data_1S75
# 
_entry.id   1S75 
# 
_audit_conform.dict_name       mmcif_pdbx.dic 
_audit_conform.dict_version    5.392 
_audit_conform.dict_location   http://mmcif.pdb.org/dictionaries/ascii/mmcif_pdbx.dic 
# 
loop_
_database_2.database_id 
_database_2.database_code 
_database_2.pdbx_database_accession 
_database_2.pdbx_DOI 
PDB   1S75         pdb_00001s75 10.2210/pdb1s75/pdb 
RCSB  RCSB021451   ?            ?                   
WWPDB D_1000021451 ?            ?                   
# 
loop_
_pdbx_audit_revision_history.ordinal 
_pdbx_audit_revision_history.data_content_type 
_pdbx_audit_revision_history.major_revision 
_pdbx_audit_revision_history.minor_revision 
_pdbx_audit_revision_history.revision_date 
1 'Structure model' 1 0 2004-04-20 
2 'Structure model' 1 1 2008-04-29 
3 'Structure model' 1 2 2011-07-13 
4 'Structure model' 1 3 2022-03-02 
5 'Structure model' 1 4 2024-05-22 
# 
_pdbx_audit_revision_details.ordinal             1 
_pdbx_audit_revision_details.revision_ordinal    1 
_pdbx_audit_revision_details.data_content_type   'Structure model' 
_pdbx_audit_revision_details.provider            repository 
_pdbx_audit_revision_details.type                'Initial release' 
_pdbx_audit_revision_details.description         ? 
_pdbx_audit_revision_details.details             ? 
# 
loop_
_pdbx_audit_revision_group.ordinal 
_pdbx_audit_revision_group.revision_ordinal 
_pdbx_audit_revision_group.data_content_type 
_pdbx_audit_revision_group.group 
1 2 'Structure model' 'Version format compliance' 
2 3 'Structure model' 'Version format compliance' 
3 4 'Structure model' 'Data collection'           
4 4 'Structure model' 'Database references'       
5 4 'Structure model' 'Derived calculations'      
6 5 'Structure model' 'Data collection'           
# 
loop_
_pdbx_audit_revision_category.ordinal 
_pdbx_audit_revision_category.revision_ordinal 
_pdbx_audit_revision_category.data_content_type 
_pdbx_audit_revision_category.category 
1 4 'Structure model' database_2            
2 4 'Structure model' pdbx_nmr_software     
3 4 'Structure model' pdbx_nmr_spectrometer 
4 4 'Structure model' pdbx_struct_assembly  
5 4 'Structure model' pdbx_struct_oper_list 
6 4 'Structure model' struct_conn           
7 5 'Structure model' chem_comp_atom        
8 5 'Structure model' chem_comp_bond        
# 
loop_
_pdbx_audit_revision_item.ordinal 
_pdbx_audit_revision_item.revision_ordinal 
_pdbx_audit_revision_item.data_content_type 
_pdbx_audit_revision_item.item 
1 4 'Structure model' '_database_2.pdbx_DOI'                
2 4 'Structure model' '_database_2.pdbx_database_accession' 
3 4 'Structure model' '_pdbx_nmr_software.name'             
4 4 'Structure model' '_pdbx_nmr_spectrometer.model'        
5 4 'Structure model' '_struct_conn.pdbx_leaving_atom_flag' 
# 
_pdbx_database_status.status_code                     REL 
_pdbx_database_status.entry_id                        1S75 
_pdbx_database_status.recvd_initial_deposition_date   2004-01-28 
_pdbx_database_status.deposit_site                    RCSB 
_pdbx_database_status.process_site                    RCSB 
_pdbx_database_status.status_code_mr                  REL 
_pdbx_database_status.SG_entry                        . 
_pdbx_database_status.pdb_format_compatible           Y 
_pdbx_database_status.status_code_sf                  ? 
_pdbx_database_status.status_code_cs                  ? 
_pdbx_database_status.status_code_nmr_data            ? 
_pdbx_database_status.methods_development_category    ? 
# 
loop_
_pdbx_database_related.db_name 
_pdbx_database_related.db_id 
_pdbx_database_related.details 
_pdbx_database_related.content_type 
PDB 1S0T . unspecified 
PDB 1S74 . unspecified 
# 
loop_
_audit_author.name 
_audit_author.pdbx_ordinal 
'Aramini, J.M.'    1 
'Cleaver, S.H.'    2 
'Pon, R.T.'        3 
'Cunningham, R.P.' 4 
'Germann, M.W.'    5 
# 
_citation.id                        primary 
_citation.title                     
'Solution Structure of a DNA Duplex Containing an alpha-Anomeric Adenosine: Insights into Substrate Recognition by Endonuclease IV.' 
_citation.journal_abbrev            J.Mol.Biol. 
_citation.journal_volume            338 
_citation.page_first                77 
_citation.page_last                 91 
_citation.year                      2004 
_citation.journal_id_ASTM           JMOBAK 
_citation.country                   UK 
_citation.journal_id_ISSN           0022-2836 
_citation.journal_id_CSD            0070 
_citation.book_publisher            ? 
_citation.pdbx_database_id_PubMed   15050824 
_citation.pdbx_database_id_DOI      10.1016/j.jmb.2004.02.035 
# 
loop_
_citation_author.citation_id 
_citation_author.name 
_citation_author.ordinal 
_citation_author.identifier_ORCID 
primary 'Aramini, J.M.'    1 ? 
primary 'Cleaver, S.H.'    2 ? 
primary 'Pon, R.T.'        3 ? 
primary 'Cunningham, R.P.' 4 ? 
primary 'Germann, M.W.'    5 ? 
# 
loop_
_entity.id 
_entity.type 
_entity.src_method 
_entity.pdbx_description 
_entity.formula_weight 
_entity.pdbx_number_of_molecules 
_entity.pdbx_ec 
_entity.pdbx_mutation 
_entity.pdbx_fragment 
_entity.details 
1 polymer syn "5'-D(*GP*TP*CP*CP*(A3A)P*CP*GP*AP*CP*G)-3'" 3029.994 1 ? ? ? ? 
2 polymer syn "5'-D(*CP*GP*TP*CP*GP*TP*GP*GP*AP*C)-3'"     3061.003 1 ? ? ? ? 
# 
loop_
_entity_poly.entity_id 
_entity_poly.type 
_entity_poly.nstd_linkage 
_entity_poly.nstd_monomer 
_entity_poly.pdbx_seq_one_letter_code 
_entity_poly.pdbx_seq_one_letter_code_can 
_entity_poly.pdbx_strand_id 
_entity_poly.pdbx_target_identifier 
1 polydeoxyribonucleotide no yes '(DG)(DT)(DC)(DC)(A3A)(DC)(DG)(DA)(DC)(DG)' GTCCACGACG A ? 
2 polydeoxyribonucleotide no no  '(DC)(DG)(DT)(DC)(DG)(DT)(DG)(DG)(DA)(DC)'  CGTCGTGGAC B ? 
# 
loop_
_entity_poly_seq.entity_id 
_entity_poly_seq.num 
_entity_poly_seq.mon_id 
_entity_poly_seq.hetero 
1 1  DG  n 
1 2  DT  n 
1 3  DC  n 
1 4  DC  n 
1 5  A3A n 
1 6  DC  n 
1 7  DG  n 
1 8  DA  n 
1 9  DC  n 
1 10 DG  n 
2 1  DC  n 
2 2  DG  n 
2 3  DT  n 
2 4  DC  n 
2 5  DG  n 
2 6  DT  n 
2 7  DG  n 
2 8  DG  n 
2 9  DA  n 
2 10 DC  n 
# 
_pdbx_entity_src_syn.entity_id              1 
_pdbx_entity_src_syn.pdbx_src_id            1 
_pdbx_entity_src_syn.pdbx_alt_source_flag   sample 
_pdbx_entity_src_syn.pdbx_beg_seq_num       ? 
_pdbx_entity_src_syn.pdbx_end_seq_num       ? 
_pdbx_entity_src_syn.organism_scientific    ? 
_pdbx_entity_src_syn.organism_common_name   ? 
_pdbx_entity_src_syn.ncbi_taxonomy_id       ? 
_pdbx_entity_src_syn.details                
'THE CORE OF THE SEQUENCE CORRESPONDS TO THE RECOGNITION SITE OF E. COLI ENDONUCLEASE IV' 
# 
loop_
_chem_comp.id 
_chem_comp.type 
_chem_comp.mon_nstd_flag 
_chem_comp.name 
_chem_comp.pdbx_synonyms 
_chem_comp.formula 
_chem_comp.formula_weight 
A3A 'DNA linking' n "2'DEOXY-ALPHA-ANOMERIC-ADENOSINE-5'-PHOSPHATE" ? 'C10 H14 N5 O6 P' 331.222 
DA  'DNA linking' y "2'-DEOXYADENOSINE-5'-MONOPHOSPHATE"            ? 'C10 H14 N5 O6 P' 331.222 
DC  'DNA linking' y "2'-DEOXYCYTIDINE-5'-MONOPHOSPHATE"             ? 'C9 H14 N3 O7 P'  307.197 
DG  'DNA linking' y "2'-DEOXYGUANOSINE-5'-MONOPHOSPHATE"            ? 'C10 H14 N5 O7 P' 347.221 
DT  'DNA linking' y "THYMIDINE-5'-MONOPHOSPHATE"                    ? 'C10 H15 N2 O8 P' 322.208 
# 
loop_
_pdbx_poly_seq_scheme.asym_id 
_pdbx_poly_seq_scheme.entity_id 
_pdbx_poly_seq_scheme.seq_id 
_pdbx_poly_seq_scheme.mon_id 
_pdbx_poly_seq_scheme.ndb_seq_num 
_pdbx_poly_seq_scheme.pdb_seq_num 
_pdbx_poly_seq_scheme.auth_seq_num 
_pdbx_poly_seq_scheme.pdb_mon_id 
_pdbx_poly_seq_scheme.auth_mon_id 
_pdbx_poly_seq_scheme.pdb_strand_id 
_pdbx_poly_seq_scheme.pdb_ins_code 
_pdbx_poly_seq_scheme.hetero 
A 1 1  DG  1  1  1  DG  G   A . n 
A 1 2  DT  2  2  2  DT  T   A . n 
A 1 3  DC  3  3  3  DC  C   A . n 
A 1 4  DC  4  4  4  DC  C   A . n 
A 1 5  A3A 5  5  5  A3A A3A A . n 
A 1 6  DC  6  6  6  DC  C   A . n 
A 1 7  DG  7  7  7  DG  G   A . n 
A 1 8  DA  8  8  8  DA  A   A . n 
A 1 9  DC  9  9  9  DC  C   A . n 
A 1 10 DG  10 10 10 DG  G   A . n 
B 2 1  DC  1  11 11 DC  C   B . n 
B 2 2  DG  2  12 12 DG  G   B . n 
B 2 3  DT  3  13 13 DT  T   B . n 
B 2 4  DC  4  14 14 DC  C   B . n 
B 2 5  DG  5  15 15 DG  G   B . n 
B 2 6  DT  6  16 16 DT  T   B . n 
B 2 7  DG  7  17 17 DG  G   B . n 
B 2 8  DG  8  18 18 DG  G   B . n 
B 2 9  DA  9  19 19 DA  A   B . n 
B 2 10 DC  10 20 20 DC  C   B . n 
# 
_cell.entry_id           1S75 
_cell.length_a           1.000 
_cell.length_b           1.000 
_cell.length_c           1.000 
_cell.angle_alpha        90.00 
_cell.angle_beta         90.00 
_cell.angle_gamma        90.00 
_cell.Z_PDB              1 
_cell.pdbx_unique_axis   ? 
# 
_symmetry.entry_id                         1S75 
_symmetry.space_group_name_H-M             'P 1' 
_symmetry.pdbx_full_space_group_name_H-M   ? 
_symmetry.cell_setting                     ? 
_symmetry.Int_Tables_number                1 
# 
_exptl.entry_id          1S75 
_exptl.method            'SOLUTION NMR' 
_exptl.crystals_number   ? 
# 
_exptl_crystal.id                    1 
_exptl_crystal.density_meas          ? 
_exptl_crystal.density_percent_sol   ? 
_exptl_crystal.density_Matthews      ? 
_exptl_crystal.description           ? 
# 
_diffrn.id                     1 
_diffrn.ambient_temp           ? 
_diffrn.ambient_temp_details   ? 
_diffrn.crystal_id             1 
# 
_diffrn_radiation.diffrn_id                        1 
_diffrn_radiation.wavelength_id                    1 
_diffrn_radiation.monochromator                    ? 
_diffrn_radiation.pdbx_monochromatic_or_laue_m_l   M 
_diffrn_radiation.pdbx_diffrn_protocol             'SINGLE WAVELENGTH' 
_diffrn_radiation.pdbx_scattering_type             ? 
# 
_diffrn_radiation_wavelength.id           1 
_diffrn_radiation_wavelength.wavelength   . 
_diffrn_radiation_wavelength.wt           1.0 
# 
_struct.entry_id                  1S75 
_struct.title                     
'SOLUTION STRUCTURE OF A DNA DUPLEX CONTAINING AN ALPHA-ANOMERIC ADENOSINE: INSIGHTS INTO SUBSTRATE RECOGNITION BY ENDONUCLEASE IV' 
_struct.pdbx_model_details        ? 
_struct.pdbx_CASP_flag            ? 
_struct.pdbx_model_type_details   'minimized average' 
# 
_struct_keywords.entry_id        1S75 
_struct_keywords.pdbx_keywords   DNA 
_struct_keywords.text            'DNA DOUBLE HELIX WITH ENLARGED MINER GROOVE AND HELICAL KINK, DNA' 
# 
loop_
_struct_asym.id 
_struct_asym.pdbx_blank_PDB_chainid_flag 
_struct_asym.pdbx_modified 
_struct_asym.entity_id 
_struct_asym.details 
A N N 1 ? 
B N N 2 ? 
# 
loop_
_struct_ref.id 
_struct_ref.entity_id 
_struct_ref.db_name 
_struct_ref.db_code 
_struct_ref.pdbx_db_accession 
_struct_ref.pdbx_db_isoform 
_struct_ref.pdbx_seq_one_letter_code 
_struct_ref.pdbx_align_begin 
1 1 PDB 1S75 1S75 ? ? ? 
2 2 PDB 1S75 1S75 ? ? ? 
# 
loop_
_struct_ref_seq.align_id 
_struct_ref_seq.ref_id 
_struct_ref_seq.pdbx_PDB_id_code 
_struct_ref_seq.pdbx_strand_id 
_struct_ref_seq.seq_align_beg 
_struct_ref_seq.pdbx_seq_align_beg_ins_code 
_struct_ref_seq.seq_align_end 
_struct_ref_seq.pdbx_seq_align_end_ins_code 
_struct_ref_seq.pdbx_db_accession 
_struct_ref_seq.db_align_beg 
_struct_ref_seq.pdbx_db_align_beg_ins_code 
_struct_ref_seq.db_align_end 
_struct_ref_seq.pdbx_db_align_end_ins_code 
_struct_ref_seq.pdbx_auth_seq_align_beg 
_struct_ref_seq.pdbx_auth_seq_align_end 
1 1 1S75 A 1 ? 10 ? 1S75 1  ? 10 ? 1  10 
2 2 1S75 B 1 ? 10 ? 1S75 11 ? 20 ? 11 20 
# 
_pdbx_struct_assembly.id                   1 
_pdbx_struct_assembly.details              author_defined_assembly 
_pdbx_struct_assembly.method_details       ? 
_pdbx_struct_assembly.oligomeric_details   dimeric 
_pdbx_struct_assembly.oligomeric_count     2 
# 
_pdbx_struct_assembly_gen.assembly_id       1 
_pdbx_struct_assembly_gen.oper_expression   1 
_pdbx_struct_assembly_gen.asym_id_list      A,B 
# 
_pdbx_struct_oper_list.id                   1 
_pdbx_struct_oper_list.type                 'identity operation' 
_pdbx_struct_oper_list.name                 1_555 
_pdbx_struct_oper_list.symmetry_operation   x,y,z 
_pdbx_struct_oper_list.matrix[1][1]         1.0000000000 
_pdbx_struct_oper_list.matrix[1][2]         0.0000000000 
_pdbx_struct_oper_list.matrix[1][3]         0.0000000000 
_pdbx_struct_oper_list.vector[1]            0.0000000000 
_pdbx_struct_oper_list.matrix[2][1]         0.0000000000 
_pdbx_struct_oper_list.matrix[2][2]         1.0000000000 
_pdbx_struct_oper_list.matrix[2][3]         0.0000000000 
_pdbx_struct_oper_list.vector[2]            0.0000000000 
_pdbx_struct_oper_list.matrix[3][1]         0.0000000000 
_pdbx_struct_oper_list.matrix[3][2]         0.0000000000 
_pdbx_struct_oper_list.matrix[3][3]         1.0000000000 
_pdbx_struct_oper_list.vector[3]            0.0000000000 
# 
_struct_biol.id   1 
# 
loop_
_struct_conn.id 
_struct_conn.conn_type_id 
_struct_conn.pdbx_leaving_atom_flag 
_struct_conn.pdbx_PDB_id 
_struct_conn.ptnr1_label_asym_id 
_struct_conn.ptnr1_label_comp_id 
_struct_conn.ptnr1_label_seq_id 
_struct_conn.ptnr1_label_atom_id 
_struct_conn.pdbx_ptnr1_label_alt_id 
_struct_conn.pdbx_ptnr1_PDB_ins_code 
_struct_conn.pdbx_ptnr1_standard_comp_id 
_struct_conn.ptnr1_symmetry 
_struct_conn.ptnr2_label_asym_id 
_struct_conn.ptnr2_label_comp_id 
_struct_conn.ptnr2_label_seq_id 
_struct_conn.ptnr2_label_atom_id 
_struct_conn.pdbx_ptnr2_label_alt_id 
_struct_conn.pdbx_ptnr2_PDB_ins_code 
_struct_conn.ptnr1_auth_asym_id 
_struct_conn.ptnr1_auth_comp_id 
_struct_conn.ptnr1_auth_seq_id 
_struct_conn.ptnr2_auth_asym_id 
_struct_conn.ptnr2_auth_comp_id 
_struct_conn.ptnr2_auth_seq_id 
_struct_conn.ptnr2_symmetry 
_struct_conn.pdbx_ptnr3_label_atom_id 
_struct_conn.pdbx_ptnr3_label_seq_id 
_struct_conn.pdbx_ptnr3_label_comp_id 
_struct_conn.pdbx_ptnr3_label_asym_id 
_struct_conn.pdbx_ptnr3_label_alt_id 
_struct_conn.pdbx_ptnr3_PDB_ins_code 
_struct_conn.details 
_struct_conn.pdbx_dist_value 
_struct_conn.pdbx_value_order 
_struct_conn.pdbx_role 
covale1  covale one ? A DC  4  "O3'" ? ? ? 1_555 A A3A 5  P  ? ? A DC  4  A A3A 5  1_555 ? ? ? ? ? ? ?            1.621 ? ? 
covale2  covale one ? A A3A 5  "O3'" ? ? ? 1_555 A DC  6  P  ? ? A A3A 5  A DC  6  1_555 ? ? ? ? ? ? ?            1.619 ? ? 
hydrog1  hydrog ?   ? A DG  1  N1    ? ? ? 1_555 B DC  10 N3 ? ? A DG  1  B DC  20 1_555 ? ? ? ? ? ? WATSON-CRICK ?     ? ? 
hydrog2  hydrog ?   ? A DG  1  N2    ? ? ? 1_555 B DC  10 O2 ? ? A DG  1  B DC  20 1_555 ? ? ? ? ? ? WATSON-CRICK ?     ? ? 
hydrog3  hydrog ?   ? A DG  1  O6    ? ? ? 1_555 B DC  10 N4 ? ? A DG  1  B DC  20 1_555 ? ? ? ? ? ? WATSON-CRICK ?     ? ? 
hydrog4  hydrog ?   ? A DT  2  N3    ? ? ? 1_555 B DA  9  N1 ? ? A DT  2  B DA  19 1_555 ? ? ? ? ? ? WATSON-CRICK ?     ? ? 
hydrog5  hydrog ?   ? A DT  2  O4    ? ? ? 1_555 B DA  9  N6 ? ? A DT  2  B DA  19 1_555 ? ? ? ? ? ? WATSON-CRICK ?     ? ? 
hydrog6  hydrog ?   ? A DC  3  N3    ? ? ? 1_555 B DG  8  N1 ? ? A DC  3  B DG  18 1_555 ? ? ? ? ? ? WATSON-CRICK ?     ? ? 
hydrog7  hydrog ?   ? A DC  3  N4    ? ? ? 1_555 B DG  8  O6 ? ? A DC  3  B DG  18 1_555 ? ? ? ? ? ? WATSON-CRICK ?     ? ? 
hydrog8  hydrog ?   ? A DC  3  O2    ? ? ? 1_555 B DG  8  N2 ? ? A DC  3  B DG  18 1_555 ? ? ? ? ? ? WATSON-CRICK ?     ? ? 
hydrog9  hydrog ?   ? A DC  4  N3    ? ? ? 1_555 B DG  7  N1 ? ? A DC  4  B DG  17 1_555 ? ? ? ? ? ? WATSON-CRICK ?     ? ? 
hydrog10 hydrog ?   ? A DC  4  N4    ? ? ? 1_555 B DG  7  O6 ? ? A DC  4  B DG  17 1_555 ? ? ? ? ? ? WATSON-CRICK ?     ? ? 
hydrog11 hydrog ?   ? A DC  4  O2    ? ? ? 1_555 B DG  7  N2 ? ? A DC  4  B DG  17 1_555 ? ? ? ? ? ? WATSON-CRICK ?     ? ? 
hydrog12 hydrog ?   ? A DC  6  N3    ? ? ? 1_555 B DG  5  N1 ? ? A DC  6  B DG  15 1_555 ? ? ? ? ? ? WATSON-CRICK ?     ? ? 
hydrog13 hydrog ?   ? A DC  6  N4    ? ? ? 1_555 B DG  5  O6 ? ? A DC  6  B DG  15 1_555 ? ? ? ? ? ? WATSON-CRICK ?     ? ? 
hydrog14 hydrog ?   ? A DC  6  O2    ? ? ? 1_555 B DG  5  N2 ? ? A DC  6  B DG  15 1_555 ? ? ? ? ? ? WATSON-CRICK ?     ? ? 
hydrog15 hydrog ?   ? A DG  7  N1    ? ? ? 1_555 B DC  4  N3 ? ? A DG  7  B DC  14 1_555 ? ? ? ? ? ? WATSON-CRICK ?     ? ? 
hydrog16 hydrog ?   ? A DG  7  N2    ? ? ? 1_555 B DC  4  O2 ? ? A DG  7  B DC  14 1_555 ? ? ? ? ? ? WATSON-CRICK ?     ? ? 
hydrog17 hydrog ?   ? A DG  7  O6    ? ? ? 1_555 B DC  4  N4 ? ? A DG  7  B DC  14 1_555 ? ? ? ? ? ? WATSON-CRICK ?     ? ? 
hydrog18 hydrog ?   ? A DA  8  N1    ? ? ? 1_555 B DT  3  N3 ? ? A DA  8  B DT  13 1_555 ? ? ? ? ? ? WATSON-CRICK ?     ? ? 
hydrog19 hydrog ?   ? A DA  8  N6    ? ? ? 1_555 B DT  3  O4 ? ? A DA  8  B DT  13 1_555 ? ? ? ? ? ? WATSON-CRICK ?     ? ? 
hydrog20 hydrog ?   ? A DC  9  N3    ? ? ? 1_555 B DG  2  N1 ? ? A DC  9  B DG  12 1_555 ? ? ? ? ? ? WATSON-CRICK ?     ? ? 
hydrog21 hydrog ?   ? A DC  9  N4    ? ? ? 1_555 B DG  2  O6 ? ? A DC  9  B DG  12 1_555 ? ? ? ? ? ? WATSON-CRICK ?     ? ? 
hydrog22 hydrog ?   ? A DC  9  O2    ? ? ? 1_555 B DG  2  N2 ? ? A DC  9  B DG  12 1_555 ? ? ? ? ? ? WATSON-CRICK ?     ? ? 
hydrog23 hydrog ?   ? A DG  10 N1    ? ? ? 1_555 B DC  1  N3 ? ? A DG  10 B DC  11 1_555 ? ? ? ? ? ? WATSON-CRICK ?     ? ? 
hydrog24 hydrog ?   ? A DG  10 N2    ? ? ? 1_555 B DC  1  O2 ? ? A DG  10 B DC  11 1_555 ? ? ? ? ? ? WATSON-CRICK ?     ? ? 
hydrog25 hydrog ?   ? A DG  10 O6    ? ? ? 1_555 B DC  1  N4 ? ? A DG  10 B DC  11 1_555 ? ? ? ? ? ? WATSON-CRICK ?     ? ? 
# 
loop_
_struct_conn_type.id 
_struct_conn_type.criteria 
_struct_conn_type.reference 
covale ? ? 
hydrog ? ? 
# 
loop_
_pdbx_validate_rmsd_angle.id 
_pdbx_validate_rmsd_angle.PDB_model_num 
_pdbx_validate_rmsd_angle.auth_atom_id_1 
_pdbx_validate_rmsd_angle.auth_asym_id_1 
_pdbx_validate_rmsd_angle.auth_comp_id_1 
_pdbx_validate_rmsd_angle.auth_seq_id_1 
_pdbx_validate_rmsd_angle.PDB_ins_code_1 
_pdbx_validate_rmsd_angle.label_alt_id_1 
_pdbx_validate_rmsd_angle.auth_atom_id_2 
_pdbx_validate_rmsd_angle.auth_asym_id_2 
_pdbx_validate_rmsd_angle.auth_comp_id_2 
_pdbx_validate_rmsd_angle.auth_seq_id_2 
_pdbx_validate_rmsd_angle.PDB_ins_code_2 
_pdbx_validate_rmsd_angle.label_alt_id_2 
_pdbx_validate_rmsd_angle.auth_atom_id_3 
_pdbx_validate_rmsd_angle.auth_asym_id_3 
_pdbx_validate_rmsd_angle.auth_comp_id_3 
_pdbx_validate_rmsd_angle.auth_seq_id_3 
_pdbx_validate_rmsd_angle.PDB_ins_code_3 
_pdbx_validate_rmsd_angle.label_alt_id_3 
_pdbx_validate_rmsd_angle.angle_value 
_pdbx_validate_rmsd_angle.angle_target_value 
_pdbx_validate_rmsd_angle.angle_deviation 
_pdbx_validate_rmsd_angle.angle_standard_deviation 
_pdbx_validate_rmsd_angle.linker_flag 
1  1 C6    A DT 2  ? ? C5    A DT  2  ? ? C7    A DT  2  ? ? 119.01 122.90 -3.89  0.60 N 
2  1 "O3'" A DC 4  ? ? P     A A3A 5  ? ? "O5'" A A3A 5  ? ? 80.63  104.00 -23.37 1.90 Y 
3  1 "O4'" A DC 6  ? ? "C4'" A DC  6  ? ? "C3'" A DC  6  ? ? 109.74 106.00 3.74   0.60 N 
4  1 "O4'" A DA 8  ? ? "C4'" A DA  8  ? ? "C3'" A DA  8  ? ? 109.72 106.00 3.72   0.60 N 
5  1 C4    A DA 8  ? ? C5    A DA  8  ? ? C6    A DA  8  ? ? 113.92 117.00 -3.08  0.50 N 
6  1 N1    A DA 8  ? ? C6    A DA  8  ? ? N6    A DA  8  ? ? 114.14 118.60 -4.46  0.60 N 
7  1 "O4'" A DC 9  ? ? "C4'" A DC  9  ? ? "C3'" A DC  9  ? ? 109.74 106.00 3.74   0.60 N 
8  1 N3    A DC 9  ? ? C2    A DC  9  ? ? O2    A DC  9  ? ? 117.53 121.90 -4.37  0.70 N 
9  1 "O4'" A DG 10 ? ? "C1'" A DG  10 ? ? N9    A DG  10 ? ? 111.07 108.30 2.77   0.30 N 
10 1 "O4'" B DC 11 ? ? "C1'" B DC  11 ? ? N1    B DC  11 ? ? 113.82 108.30 5.52   0.30 N 
11 1 N3    B DC 14 ? ? C2    B DC  14 ? ? O2    B DC  14 ? ? 117.29 121.90 -4.61  0.70 N 
12 1 "O4'" B DG 15 ? ? "C1'" B DG  15 ? ? N9    B DG  15 ? ? 110.19 108.30 1.89   0.30 N 
13 1 "O4'" B DT 16 ? ? "C1'" B DT  16 ? ? N1    B DT  16 ? ? 110.49 108.30 2.19   0.30 N 
14 1 "O4'" B DG 17 ? ? "C1'" B DG  17 ? ? N9    B DG  17 ? ? 111.39 108.30 3.09   0.30 N 
15 1 "O4'" B DG 18 ? ? "C4'" B DG  18 ? ? "C3'" B DG  18 ? ? 110.91 106.00 4.91   0.60 N 
16 1 "O4'" B DG 18 ? ? "C1'" B DG  18 ? ? N9    B DG  18 ? ? 103.41 108.00 -4.59  0.70 N 
17 1 "O4'" B DC 20 ? ? "C1'" B DC  20 ? ? N1    B DC  20 ? ? 110.64 108.30 2.34   0.30 N 
# 
loop_
_pdbx_validate_planes.id 
_pdbx_validate_planes.PDB_model_num 
_pdbx_validate_planes.auth_comp_id 
_pdbx_validate_planes.auth_asym_id 
_pdbx_validate_planes.auth_seq_id 
_pdbx_validate_planes.PDB_ins_code 
_pdbx_validate_planes.label_alt_id 
_pdbx_validate_planes.rmsd 
_pdbx_validate_planes.type 
1 1 DG A 1  ? ? 0.058 'SIDE CHAIN' 
2 1 DG A 7  ? ? 0.092 'SIDE CHAIN' 
3 1 DA A 8  ? ? 0.115 'SIDE CHAIN' 
4 1 DT B 13 ? ? 0.119 'SIDE CHAIN' 
5 1 DA B 19 ? ? 0.066 'SIDE CHAIN' 
# 
_pdbx_struct_mod_residue.id               1 
_pdbx_struct_mod_residue.label_asym_id    A 
_pdbx_struct_mod_residue.label_comp_id    A3A 
_pdbx_struct_mod_residue.label_seq_id     5 
_pdbx_struct_mod_residue.auth_asym_id     A 
_pdbx_struct_mod_residue.auth_comp_id     A3A 
_pdbx_struct_mod_residue.auth_seq_id      5 
_pdbx_struct_mod_residue.PDB_ins_code     ? 
_pdbx_struct_mod_residue.parent_comp_id   DA 
_pdbx_struct_mod_residue.details          ? 
# 
_pdbx_nmr_ensemble.entry_id                                      1S75 
_pdbx_nmr_ensemble.conformers_calculated_total_number            ? 
_pdbx_nmr_ensemble.conformers_submitted_total_number             1 
_pdbx_nmr_ensemble.conformer_selection_criteria                  ? 
_pdbx_nmr_ensemble.average_constraints_per_residue               ? 
_pdbx_nmr_ensemble.average_constraint_violations_per_residue     ? 
_pdbx_nmr_ensemble.maximum_distance_constraint_violation         ? 
_pdbx_nmr_ensemble.average_distance_constraint_violation         ? 
_pdbx_nmr_ensemble.maximum_upper_distance_constraint_violation   ? 
_pdbx_nmr_ensemble.maximum_lower_distance_constraint_violation   ? 
_pdbx_nmr_ensemble.distance_constraint_violation_method          ? 
_pdbx_nmr_ensemble.maximum_torsion_angle_constraint_violation    ? 
_pdbx_nmr_ensemble.average_torsion_angle_constraint_violation    ? 
_pdbx_nmr_ensemble.torsion_angle_constraint_violation_method     ? 
# 
_pdbx_nmr_representative.entry_id             1S75 
_pdbx_nmr_representative.conformer_id         1 
_pdbx_nmr_representative.selection_criteria   'minimized average structure' 
# 
loop_
_pdbx_nmr_sample_details.solution_id 
_pdbx_nmr_sample_details.contents 
_pdbx_nmr_sample_details.solvent_system 
1 '1.0 MM ALPHAA DUPLEX, 10 MM PHOSPHATE BUFFER, 50 MM NACL, 0.1 MM EDTA, PH 6.6' '100% D2O'        
2 '1.0 MM ALPHAA DUPLEX, 10 MM PHOSPHATE BUFFER, 50 MM NACL, 0.1 MM EDTA, PH 6.6' '90% H2O/10% D2O' 
# 
loop_
_pdbx_nmr_exptl_sample_conditions.conditions_id 
_pdbx_nmr_exptl_sample_conditions.temperature 
_pdbx_nmr_exptl_sample_conditions.pressure 
_pdbx_nmr_exptl_sample_conditions.pH 
_pdbx_nmr_exptl_sample_conditions.ionic_strength 
_pdbx_nmr_exptl_sample_conditions.pressure_units 
_pdbx_nmr_exptl_sample_conditions.temperature_units 
1 293 AMBIENT 6.6 '50 mM NACL' ? K 
2 283 ambient 6.6 '50 mM NaCl' ? K 
# 
loop_
_pdbx_nmr_exptl.experiment_id 
_pdbx_nmr_exptl.conditions_id 
_pdbx_nmr_exptl.type 
_pdbx_nmr_exptl.solution_id 
1 1 '2D NOESY'              1 
2 1 DQF-COSY                1 
3 1 '2D TOCSY'              1 
4 1 '2D 31P,1H CORRELATION' 1 
5 1 '13C,1H HSQC'           1 
6 1 ?                       1 
# 
_pdbx_nmr_details.entry_id   1S75 
_pdbx_nmr_details.text       
;FOR NON-EXCHANGEABLE PROTONS, NOESY EXPERIMENTS IN D2O WERE PERFORMED WITH 10S RELAXATION DELAYS AND MIXING TIMES OF 75MS, 150MS AND 250 MS. FOR EXCHANGEABLE PROTONS, A WATERGATE NOESY WAS PERFORMED WITH A RELAXATION DELAY OF 4S AND 150MS MIXING TIME.
;
# 
_pdbx_nmr_refine.entry_id           1S75 
_pdbx_nmr_refine.method             'TORSION ANGLE DYNAMICS, MOLECULAR DYNAMICS' 
_pdbx_nmr_refine.details            
;THE STRUCTURE IS BASED ON A TOTAL OF 502 RESTRAINTS: 284 DISTANCE RESTRAINTS, 80 ENDOCYCLIC TORSION ANGLE RESTRAINTS, 50 WATSON-CRICK DISTANCE AND ANGLE RESTRAINTS, AND 88 BACKBONE TORSION ANGLE RESTRAINTS. THE ALPHAA DUPLEX STRUCTURE WAS ELUCIDATED BY A COMBINATION OF DYANA AND RMD/REM IN AMBER. ALL CALCULATIONS WERE PERFORMED IN VACUO. THE FINAL STRUCTURE DEPOSITED HERE WAS OBTAINED BY COORDINATE AVERAGING THE FINAL ENSEMBLE OF 10 RMD/REM STRUCTURES FOLLOWED BY RESTRAINED ENERGY MINIMIZATION.  THE IN VACUO STRUCTURE WAS THEN SOLVATED IN A SOLVENT BOX AND NA+ COUNTERIONS.  THE FOLLOWING SIMULATIONS CONTAINED 25 C-H RESIDUAL DIPOLAR COUPLINGS RESTRAINTS. THE FINAL SOLVATED STRUCTURE WAS OBTAINED BY AVERAGING THE LAST 5PS OF A 1 NS RMD RUN FOLLOWED BY REM.
;
_pdbx_nmr_refine.software_ordinal   1 
# 
loop_
_pdbx_nmr_software.classification 
_pdbx_nmr_software.name 
_pdbx_nmr_software.version 
_pdbx_nmr_software.authors 
_pdbx_nmr_software.ordinal 
refinement           DYANA     1.5 'GUNTERT ET AL'      1 
'structure solution' MARDIGRAS 3.2 'Borgias et al.'     2 
'structure solution' CORMA     5.2 'Keepers and James'  3 
'structure solution' Curves    5.1 'Lavery and Sklenar' 4 
'structure solution' MOLMOL    2.0 'Koradi et al.'      5 
refinement           Amber     6.1 'Case et al.'        6 
# 
loop_
_chem_comp_atom.comp_id 
_chem_comp_atom.atom_id 
_chem_comp_atom.type_symbol 
_chem_comp_atom.pdbx_aromatic_flag 
_chem_comp_atom.pdbx_stereo_config 
_chem_comp_atom.pdbx_ordinal 
A3A C8A    C Y N 1   
A3A N9A    N Y N 2   
A3A C4A    C Y N 3   
A3A C5A    C Y N 4   
A3A N7A    N Y N 5   
A3A N3A    N Y N 6   
A3A C2A    C Y N 7   
A3A N1A    N Y N 8   
A3A C6A    C Y N 9   
A3A N6A    N N N 10  
A3A P      P N N 11  
A3A OP1    O N N 12  
A3A OP2    O N N 13  
A3A "O6'"  O N N 14  
A3A "C5'"  C N N 15  
A3A "C4'"  C N R 16  
A3A "O5'"  O N N 17  
A3A "C3'"  C N S 18  
A3A "O3'"  O N N 19  
A3A "C2'"  C N N 20  
A3A "C1'"  C N S 21  
A3A O1     O N N 22  
A3A H8A    H N N 23  
A3A H2A    H N N 24  
A3A HN61   H N N 25  
A3A HN62   H N N 26  
A3A H2P    H N N 27  
A3A "H5'"  H N N 28  
A3A "H5''" H N N 29  
A3A "H4'"  H N N 30  
A3A "H3'"  H N N 31  
A3A H1     H N N 32  
A3A "H2'"  H N N 33  
A3A "H2''" H N N 34  
A3A "H1'"  H N N 35  
A3A HO1    H N N 36  
DA  OP3    O N N 37  
DA  P      P N N 38  
DA  OP1    O N N 39  
DA  OP2    O N N 40  
DA  "O5'"  O N N 41  
DA  "C5'"  C N N 42  
DA  "C4'"  C N R 43  
DA  "O4'"  O N N 44  
DA  "C3'"  C N S 45  
DA  "O3'"  O N N 46  
DA  "C2'"  C N N 47  
DA  "C1'"  C N R 48  
DA  N9     N Y N 49  
DA  C8     C Y N 50  
DA  N7     N Y N 51  
DA  C5     C Y N 52  
DA  C6     C Y N 53  
DA  N6     N N N 54  
DA  N1     N Y N 55  
DA  C2     C Y N 56  
DA  N3     N Y N 57  
DA  C4     C Y N 58  
DA  HOP3   H N N 59  
DA  HOP2   H N N 60  
DA  "H5'"  H N N 61  
DA  "H5''" H N N 62  
DA  "H4'"  H N N 63  
DA  "H3'"  H N N 64  
DA  "HO3'" H N N 65  
DA  "H2'"  H N N 66  
DA  "H2''" H N N 67  
DA  "H1'"  H N N 68  
DA  H8     H N N 69  
DA  H61    H N N 70  
DA  H62    H N N 71  
DA  H2     H N N 72  
DC  OP3    O N N 73  
DC  P      P N N 74  
DC  OP1    O N N 75  
DC  OP2    O N N 76  
DC  "O5'"  O N N 77  
DC  "C5'"  C N N 78  
DC  "C4'"  C N R 79  
DC  "O4'"  O N N 80  
DC  "C3'"  C N S 81  
DC  "O3'"  O N N 82  
DC  "C2'"  C N N 83  
DC  "C1'"  C N R 84  
DC  N1     N N N 85  
DC  C2     C N N 86  
DC  O2     O N N 87  
DC  N3     N N N 88  
DC  C4     C N N 89  
DC  N4     N N N 90  
DC  C5     C N N 91  
DC  C6     C N N 92  
DC  HOP3   H N N 93  
DC  HOP2   H N N 94  
DC  "H5'"  H N N 95  
DC  "H5''" H N N 96  
DC  "H4'"  H N N 97  
DC  "H3'"  H N N 98  
DC  "HO3'" H N N 99  
DC  "H2'"  H N N 100 
DC  "H2''" H N N 101 
DC  "H1'"  H N N 102 
DC  H41    H N N 103 
DC  H42    H N N 104 
DC  H5     H N N 105 
DC  H6     H N N 106 
DG  OP3    O N N 107 
DG  P      P N N 108 
DG  OP1    O N N 109 
DG  OP2    O N N 110 
DG  "O5'"  O N N 111 
DG  "C5'"  C N N 112 
DG  "C4'"  C N R 113 
DG  "O4'"  O N N 114 
DG  "C3'"  C N S 115 
DG  "O3'"  O N N 116 
DG  "C2'"  C N N 117 
DG  "C1'"  C N R 118 
DG  N9     N Y N 119 
DG  C8     C Y N 120 
DG  N7     N Y N 121 
DG  C5     C Y N 122 
DG  C6     C N N 123 
DG  O6     O N N 124 
DG  N1     N N N 125 
DG  C2     C N N 126 
DG  N2     N N N 127 
DG  N3     N N N 128 
DG  C4     C Y N 129 
DG  HOP3   H N N 130 
DG  HOP2   H N N 131 
DG  "H5'"  H N N 132 
DG  "H5''" H N N 133 
DG  "H4'"  H N N 134 
DG  "H3'"  H N N 135 
DG  "HO3'" H N N 136 
DG  "H2'"  H N N 137 
DG  "H2''" H N N 138 
DG  "H1'"  H N N 139 
DG  H8     H N N 140 
DG  H1     H N N 141 
DG  H21    H N N 142 
DG  H22    H N N 143 
DT  OP3    O N N 144 
DT  P      P N N 145 
DT  OP1    O N N 146 
DT  OP2    O N N 147 
DT  "O5'"  O N N 148 
DT  "C5'"  C N N 149 
DT  "C4'"  C N R 150 
DT  "O4'"  O N N 151 
DT  "C3'"  C N S 152 
DT  "O3'"  O N N 153 
DT  "C2'"  C N N 154 
DT  "C1'"  C N R 155 
DT  N1     N N N 156 
DT  C2     C N N 157 
DT  O2     O N N 158 
DT  N3     N N N 159 
DT  C4     C N N 160 
DT  O4     O N N 161 
DT  C5     C N N 162 
DT  C7     C N N 163 
DT  C6     C N N 164 
DT  HOP3   H N N 165 
DT  HOP2   H N N 166 
DT  "H5'"  H N N 167 
DT  "H5''" H N N 168 
DT  "H4'"  H N N 169 
DT  "H3'"  H N N 170 
DT  "HO3'" H N N 171 
DT  "H2'"  H N N 172 
DT  "H2''" H N N 173 
DT  "H1'"  H N N 174 
DT  H3     H N N 175 
DT  H71    H N N 176 
DT  H72    H N N 177 
DT  H73    H N N 178 
DT  H6     H N N 179 
# 
loop_
_chem_comp_bond.comp_id 
_chem_comp_bond.atom_id_1 
_chem_comp_bond.atom_id_2 
_chem_comp_bond.value_order 
_chem_comp_bond.pdbx_aromatic_flag 
_chem_comp_bond.pdbx_stereo_config 
_chem_comp_bond.pdbx_ordinal 
A3A C8A   N9A    sing Y N 1   
A3A C8A   N7A    doub Y N 2   
A3A C8A   H8A    sing N N 3   
A3A N9A   C4A    sing Y N 4   
A3A N9A   "C1'"  sing N N 5   
A3A C4A   C5A    doub Y N 6   
A3A C4A   N3A    sing Y N 7   
A3A C5A   N7A    sing Y N 8   
A3A C5A   C6A    sing Y N 9   
A3A N3A   C2A    doub Y N 10  
A3A C2A   N1A    sing Y N 11  
A3A C2A   H2A    sing N N 12  
A3A N1A   C6A    doub Y N 13  
A3A C6A   N6A    sing N N 14  
A3A N6A   HN61   sing N N 15  
A3A N6A   HN62   sing N N 16  
A3A P     OP1    doub N N 17  
A3A P     OP2    sing N N 18  
A3A P     "O6'"  sing N N 19  
A3A P     O1     sing N N 20  
A3A OP2   H2P    sing N N 21  
A3A "O6'" "C5'"  sing N N 22  
A3A "C5'" "C4'"  sing N N 23  
A3A "C5'" "H5'"  sing N N 24  
A3A "C5'" "H5''" sing N N 25  
A3A "C4'" "O5'"  sing N N 26  
A3A "C4'" "C3'"  sing N N 27  
A3A "C4'" "H4'"  sing N N 28  
A3A "O5'" "C1'"  sing N N 29  
A3A "C3'" "O3'"  sing N N 30  
A3A "C3'" "C2'"  sing N N 31  
A3A "C3'" "H3'"  sing N N 32  
A3A "O3'" H1     sing N N 33  
A3A "C2'" "C1'"  sing N N 34  
A3A "C2'" "H2'"  sing N N 35  
A3A "C2'" "H2''" sing N N 36  
A3A "C1'" "H1'"  sing N N 37  
A3A O1    HO1    sing N N 38  
DA  OP3   P      sing N N 39  
DA  OP3   HOP3   sing N N 40  
DA  P     OP1    doub N N 41  
DA  P     OP2    sing N N 42  
DA  P     "O5'"  sing N N 43  
DA  OP2   HOP2   sing N N 44  
DA  "O5'" "C5'"  sing N N 45  
DA  "C5'" "C4'"  sing N N 46  
DA  "C5'" "H5'"  sing N N 47  
DA  "C5'" "H5''" sing N N 48  
DA  "C4'" "O4'"  sing N N 49  
DA  "C4'" "C3'"  sing N N 50  
DA  "C4'" "H4'"  sing N N 51  
DA  "O4'" "C1'"  sing N N 52  
DA  "C3'" "O3'"  sing N N 53  
DA  "C3'" "C2'"  sing N N 54  
DA  "C3'" "H3'"  sing N N 55  
DA  "O3'" "HO3'" sing N N 56  
DA  "C2'" "C1'"  sing N N 57  
DA  "C2'" "H2'"  sing N N 58  
DA  "C2'" "H2''" sing N N 59  
DA  "C1'" N9     sing N N 60  
DA  "C1'" "H1'"  sing N N 61  
DA  N9    C8     sing Y N 62  
DA  N9    C4     sing Y N 63  
DA  C8    N7     doub Y N 64  
DA  C8    H8     sing N N 65  
DA  N7    C5     sing Y N 66  
DA  C5    C6     sing Y N 67  
DA  C5    C4     doub Y N 68  
DA  C6    N6     sing N N 69  
DA  C6    N1     doub Y N 70  
DA  N6    H61    sing N N 71  
DA  N6    H62    sing N N 72  
DA  N1    C2     sing Y N 73  
DA  C2    N3     doub Y N 74  
DA  C2    H2     sing N N 75  
DA  N3    C4     sing Y N 76  
DC  OP3   P      sing N N 77  
DC  OP3   HOP3   sing N N 78  
DC  P     OP1    doub N N 79  
DC  P     OP2    sing N N 80  
DC  P     "O5'"  sing N N 81  
DC  OP2   HOP2   sing N N 82  
DC  "O5'" "C5'"  sing N N 83  
DC  "C5'" "C4'"  sing N N 84  
DC  "C5'" "H5'"  sing N N 85  
DC  "C5'" "H5''" sing N N 86  
DC  "C4'" "O4'"  sing N N 87  
DC  "C4'" "C3'"  sing N N 88  
DC  "C4'" "H4'"  sing N N 89  
DC  "O4'" "C1'"  sing N N 90  
DC  "C3'" "O3'"  sing N N 91  
DC  "C3'" "C2'"  sing N N 92  
DC  "C3'" "H3'"  sing N N 93  
DC  "O3'" "HO3'" sing N N 94  
DC  "C2'" "C1'"  sing N N 95  
DC  "C2'" "H2'"  sing N N 96  
DC  "C2'" "H2''" sing N N 97  
DC  "C1'" N1     sing N N 98  
DC  "C1'" "H1'"  sing N N 99  
DC  N1    C2     sing N N 100 
DC  N1    C6     sing N N 101 
DC  C2    O2     doub N N 102 
DC  C2    N3     sing N N 103 
DC  N3    C4     doub N N 104 
DC  C4    N4     sing N N 105 
DC  C4    C5     sing N N 106 
DC  N4    H41    sing N N 107 
DC  N4    H42    sing N N 108 
DC  C5    C6     doub N N 109 
DC  C5    H5     sing N N 110 
DC  C6    H6     sing N N 111 
DG  OP3   P      sing N N 112 
DG  OP3   HOP3   sing N N 113 
DG  P     OP1    doub N N 114 
DG  P     OP2    sing N N 115 
DG  P     "O5'"  sing N N 116 
DG  OP2   HOP2   sing N N 117 
DG  "O5'" "C5'"  sing N N 118 
DG  "C5'" "C4'"  sing N N 119 
DG  "C5'" "H5'"  sing N N 120 
DG  "C5'" "H5''" sing N N 121 
DG  "C4'" "O4'"  sing N N 122 
DG  "C4'" "C3'"  sing N N 123 
DG  "C4'" "H4'"  sing N N 124 
DG  "O4'" "C1'"  sing N N 125 
DG  "C3'" "O3'"  sing N N 126 
DG  "C3'" "C2'"  sing N N 127 
DG  "C3'" "H3'"  sing N N 128 
DG  "O3'" "HO3'" sing N N 129 
DG  "C2'" "C1'"  sing N N 130 
DG  "C2'" "H2'"  sing N N 131 
DG  "C2'" "H2''" sing N N 132 
DG  "C1'" N9     sing N N 133 
DG  "C1'" "H1'"  sing N N 134 
DG  N9    C8     sing Y N 135 
DG  N9    C4     sing Y N 136 
DG  C8    N7     doub Y N 137 
DG  C8    H8     sing N N 138 
DG  N7    C5     sing Y N 139 
DG  C5    C6     sing N N 140 
DG  C5    C4     doub Y N 141 
DG  C6    O6     doub N N 142 
DG  C6    N1     sing N N 143 
DG  N1    C2     sing N N 144 
DG  N1    H1     sing N N 145 
DG  C2    N2     sing N N 146 
DG  C2    N3     doub N N 147 
DG  N2    H21    sing N N 148 
DG  N2    H22    sing N N 149 
DG  N3    C4     sing N N 150 
DT  OP3   P      sing N N 151 
DT  OP3   HOP3   sing N N 152 
DT  P     OP1    doub N N 153 
DT  P     OP2    sing N N 154 
DT  P     "O5'"  sing N N 155 
DT  OP2   HOP2   sing N N 156 
DT  "O5'" "C5'"  sing N N 157 
DT  "C5'" "C4'"  sing N N 158 
DT  "C5'" "H5'"  sing N N 159 
DT  "C5'" "H5''" sing N N 160 
DT  "C4'" "O4'"  sing N N 161 
DT  "C4'" "C3'"  sing N N 162 
DT  "C4'" "H4'"  sing N N 163 
DT  "O4'" "C1'"  sing N N 164 
DT  "C3'" "O3'"  sing N N 165 
DT  "C3'" "C2'"  sing N N 166 
DT  "C3'" "H3'"  sing N N 167 
DT  "O3'" "HO3'" sing N N 168 
DT  "C2'" "C1'"  sing N N 169 
DT  "C2'" "H2'"  sing N N 170 
DT  "C2'" "H2''" sing N N 171 
DT  "C1'" N1     sing N N 172 
DT  "C1'" "H1'"  sing N N 173 
DT  N1    C2     sing N N 174 
DT  N1    C6     sing N N 175 
DT  C2    O2     doub N N 176 
DT  C2    N3     sing N N 177 
DT  N3    C4     sing N N 178 
DT  N3    H3     sing N N 179 
DT  C4    O4     doub N N 180 
DT  C4    C5     sing N N 181 
DT  C5    C7     sing N N 182 
DT  C5    C6     doub N N 183 
DT  C7    H71    sing N N 184 
DT  C7    H72    sing N N 185 
DT  C7    H73    sing N N 186 
DT  C6    H6     sing N N 187 
# 
loop_
_ndb_struct_conf_na.entry_id 
_ndb_struct_conf_na.feature 
1S75 'b-form double helix'  
1S75 'mismatched base pair' 
# 
loop_
_ndb_struct_na_base_pair.model_number 
_ndb_struct_na_base_pair.i_label_asym_id 
_ndb_struct_na_base_pair.i_label_comp_id 
_ndb_struct_na_base_pair.i_label_seq_id 
_ndb_struct_na_base_pair.i_symmetry 
_ndb_struct_na_base_pair.j_label_asym_id 
_ndb_struct_na_base_pair.j_label_comp_id 
_ndb_struct_na_base_pair.j_label_seq_id 
_ndb_struct_na_base_pair.j_symmetry 
_ndb_struct_na_base_pair.shear 
_ndb_struct_na_base_pair.stretch 
_ndb_struct_na_base_pair.stagger 
_ndb_struct_na_base_pair.buckle 
_ndb_struct_na_base_pair.propeller 
_ndb_struct_na_base_pair.opening 
_ndb_struct_na_base_pair.pair_number 
_ndb_struct_na_base_pair.pair_name 
_ndb_struct_na_base_pair.i_auth_asym_id 
_ndb_struct_na_base_pair.i_auth_seq_id 
_ndb_struct_na_base_pair.i_PDB_ins_code 
_ndb_struct_na_base_pair.j_auth_asym_id 
_ndb_struct_na_base_pair.j_auth_seq_id 
_ndb_struct_na_base_pair.j_PDB_ins_code 
_ndb_struct_na_base_pair.hbond_type_28 
_ndb_struct_na_base_pair.hbond_type_12 
1 A DG 1  1_555 B DC 10 1_555 -0.450 -0.185 0.130  -7.892 -2.904  0.681  1 A_DG1:DC20_B  A 1  ? B 20 ? 19 1 
1 A DT 2  1_555 B DA 9  1_555 -0.237 -0.116 0.096  -1.011 -12.733 -2.327 2 A_DT2:DA19_B  A 2  ? B 19 ? 20 1 
1 A DC 3  1_555 B DG 8  1_555 -0.013 -0.146 0.232  -3.341 4.971   -0.963 3 A_DC3:DG18_B  A 3  ? B 18 ? 19 1 
1 A DC 4  1_555 B DG 7  1_555 0.272  -0.246 0.235  8.760  -16.316 -2.726 4 A_DC4:DG17_B  A 4  ? B 17 ? 19 1 
1 A DC 6  1_555 B DG 5  1_555 0.170  -0.196 0.200  14.568 -13.225 -1.012 5 A_DC6:DG15_B  A 6  ? B 15 ? 19 1 
1 A DG 7  1_555 B DC 4  1_555 -0.158 -0.156 0.173  13.758 -16.630 -1.668 6 A_DG7:DC14_B  A 7  ? B 14 ? 19 1 
1 A DA 8  1_555 B DT 3  1_555 0.083  -0.117 0.347  0.841  -21.360 4.454  7 A_DA8:DT13_B  A 8  ? B 13 ? 20 1 
1 A DC 9  1_555 B DG 2  1_555 0.209  -0.163 0.030  0.758  -8.832  -0.413 8 A_DC9:DG12_B  A 9  ? B 12 ? 19 1 
1 A DG 10 1_555 B DC 1  1_555 -0.351 -0.229 -0.028 -5.336 -16.210 -0.302 9 A_DG10:DC11_B A 10 ? B 11 ? 19 1 
# 
loop_
_ndb_struct_na_base_pair_step.model_number 
_ndb_struct_na_base_pair_step.i_label_asym_id_1 
_ndb_struct_na_base_pair_step.i_label_comp_id_1 
_ndb_struct_na_base_pair_step.i_label_seq_id_1 
_ndb_struct_na_base_pair_step.i_symmetry_1 
_ndb_struct_na_base_pair_step.j_label_asym_id_1 
_ndb_struct_na_base_pair_step.j_label_comp_id_1 
_ndb_struct_na_base_pair_step.j_label_seq_id_1 
_ndb_struct_na_base_pair_step.j_symmetry_1 
_ndb_struct_na_base_pair_step.i_label_asym_id_2 
_ndb_struct_na_base_pair_step.i_label_comp_id_2 
_ndb_struct_na_base_pair_step.i_label_seq_id_2 
_ndb_struct_na_base_pair_step.i_symmetry_2 
_ndb_struct_na_base_pair_step.j_label_asym_id_2 
_ndb_struct_na_base_pair_step.j_label_comp_id_2 
_ndb_struct_na_base_pair_step.j_label_seq_id_2 
_ndb_struct_na_base_pair_step.j_symmetry_2 
_ndb_struct_na_base_pair_step.shift 
_ndb_struct_na_base_pair_step.slide 
_ndb_struct_na_base_pair_step.rise 
_ndb_struct_na_base_pair_step.tilt 
_ndb_struct_na_base_pair_step.roll 
_ndb_struct_na_base_pair_step.twist 
_ndb_struct_na_base_pair_step.x_displacement 
_ndb_struct_na_base_pair_step.y_displacement 
_ndb_struct_na_base_pair_step.helical_rise 
_ndb_struct_na_base_pair_step.inclination 
_ndb_struct_na_base_pair_step.tip 
_ndb_struct_na_base_pair_step.helical_twist 
_ndb_struct_na_base_pair_step.step_number 
_ndb_struct_na_base_pair_step.step_name 
_ndb_struct_na_base_pair_step.i_auth_asym_id_1 
_ndb_struct_na_base_pair_step.i_auth_seq_id_1 
_ndb_struct_na_base_pair_step.i_PDB_ins_code_1 
_ndb_struct_na_base_pair_step.j_auth_asym_id_1 
_ndb_struct_na_base_pair_step.j_auth_seq_id_1 
_ndb_struct_na_base_pair_step.j_PDB_ins_code_1 
_ndb_struct_na_base_pair_step.i_auth_asym_id_2 
_ndb_struct_na_base_pair_step.i_auth_seq_id_2 
_ndb_struct_na_base_pair_step.i_PDB_ins_code_2 
_ndb_struct_na_base_pair_step.j_auth_asym_id_2 
_ndb_struct_na_base_pair_step.j_auth_seq_id_2 
_ndb_struct_na_base_pair_step.j_PDB_ins_code_2 
1 A DG 1 1_555 B DC 10 1_555 A DT 2  1_555 B DA 9 1_555 -0.513 -0.531 3.148 1.091  2.459  27.699 -1.666 1.316  3.068 5.121  -2.272 
27.827 1 AA_DG1DT2:DA19DC20_BB  A 1 ? B 20 ? A 2  ? B 19 ? 
1 A DT 2 1_555 B DA 9  1_555 A DC 3  1_555 B DG 8 1_555 -0.386 -0.212 3.314 -3.636 2.452  39.714 -0.597 0.141  3.316 3.597  5.332  
39.945 2 AA_DT2DC3:DG18DA19_BB  A 2 ? B 19 ? A 3  ? B 18 ? 
1 A DC 3 1_555 B DG 8  1_555 A DC 4  1_555 B DG 7 1_555 0.066  0.006  3.026 0.581  -1.564 40.187 0.173  -0.035 3.024 -2.275 -0.846 
40.220 3 AA_DC3DC4:DG17DG18_BB  A 3 ? B 18 ? A 4  ? B 17 ? 
1 A DC 4 1_555 B DG 7  1_555 A DC 6  1_555 B DG 5 1_555 -0.116 -0.887 5.994 3.622  17.458 65.495 -2.010 0.356  5.618 15.834 -3.285 
67.617 4 AA_DC4DC6:DG15DG17_BB  A 4 ? B 17 ? A 6  ? B 15 ? 
1 A DC 6 1_555 B DG 5  1_555 A DG 7  1_555 B DC 4 1_555 -0.420 0.089  3.245 1.922  10.248 34.267 -1.323 0.960  3.116 16.914 -3.172 
35.772 5 AA_DC6DG7:DC14DG15_BB  A 6 ? B 15 ? A 7  ? B 14 ? 
1 A DG 7 1_555 B DC 4  1_555 A DA 8  1_555 B DT 3 1_555 0.163  -0.098 3.362 -3.235 4.013  40.098 -0.604 -0.609 3.315 5.823  4.694  
40.414 6 AA_DG7DA8:DT13DC14_BB  A 7 ? B 14 ? A 8  ? B 13 ? 
1 A DA 8 1_555 B DT 3  1_555 A DC 9  1_555 B DG 2 1_555 -0.135 -0.129 3.189 0.853  -0.430 36.278 -0.148 0.333  3.187 -0.690 -1.370 
36.290 7 AA_DA8DC9:DG12DT13_BB  A 8 ? B 13 ? A 9  ? B 12 ? 
1 A DC 9 1_555 B DG 2  1_555 A DG 10 1_555 B DC 1 1_555 0.961  -0.362 3.463 -2.033 9.252  32.028 -2.223 -2.024 3.173 16.328 3.588  
33.365 8 AA_DC9DG10:DC11DG12_BB A 9 ? B 12 ? A 10 ? B 11 ? 
# 
loop_
_pdbx_nmr_spectrometer.spectrometer_id 
_pdbx_nmr_spectrometer.model 
_pdbx_nmr_spectrometer.manufacturer 
_pdbx_nmr_spectrometer.field_strength 
_pdbx_nmr_spectrometer.type 
1 AMX    Bruker 600 ? 
2 AVANCE Bruker 500 ? 
# 
_atom_sites.entry_id                    1S75 
_atom_sites.fract_transf_matrix[1][1]   1.000000 
_atom_sites.fract_transf_matrix[1][2]   0.000000 
_atom_sites.fract_transf_matrix[1][3]   0.000000 
_atom_sites.fract_transf_matrix[2][1]   0.000000 
_atom_sites.fract_transf_matrix[2][2]   1.000000 
_atom_sites.fract_transf_matrix[2][3]   0.000000 
_atom_sites.fract_transf_matrix[3][1]   0.000000 
_atom_sites.fract_transf_matrix[3][2]   0.000000 
_atom_sites.fract_transf_matrix[3][3]   1.000000 
_atom_sites.fract_transf_vector[1]      0.00000 
_atom_sites.fract_transf_vector[2]      0.00000 
_atom_sites.fract_transf_vector[3]      0.00000 
# 
loop_
_atom_type.symbol 
C 
H 
N 
O 
P 
# 
loop_
_atom_site.group_PDB 
_atom_site.id 
_atom_site.type_symbol 
_atom_site.label_atom_id 
_atom_site.label_alt_id 
_atom_site.label_comp_id 
_atom_site.label_asym_id 
_atom_site.label_entity_id 
_atom_site.label_seq_id 
_atom_site.pdbx_PDB_ins_code 
_atom_site.Cartn_x 
_atom_site.Cartn_y 
_atom_site.Cartn_z 
_atom_site.occupancy 
_atom_site.B_iso_or_equiv 
_atom_site.pdbx_formal_charge 
_atom_site.auth_seq_id 
_atom_site.auth_comp_id 
_atom_site.auth_asym_id 
_atom_site.auth_atom_id 
_atom_site.pdbx_PDB_model_num 
ATOM   1   O "O5'"  . DG  A 1 1  ? 17.359  -4.076  -2.107  1.00 10.00 ? 1  DG  A "O5'"  1 
ATOM   2   C "C5'"  . DG  A 1 1  ? 18.011  -3.309  -1.105  1.00 10.00 ? 1  DG  A "C5'"  1 
ATOM   3   C "C4'"  . DG  A 1 1  ? 17.039  -2.357  -0.391  1.00 10.00 ? 1  DG  A "C4'"  1 
ATOM   4   O "O4'"  . DG  A 1 1  ? 16.608  -1.331  -1.268  1.00 10.00 ? 1  DG  A "O4'"  1 
ATOM   5   C "C3'"  . DG  A 1 1  ? 15.792  -3.053  0.175   1.00 10.00 ? 1  DG  A "C3'"  1 
ATOM   6   O "O3'"  . DG  A 1 1  ? 15.883  -3.077  1.596   1.00 10.00 ? 1  DG  A "O3'"  1 
ATOM   7   C "C2'"  . DG  A 1 1  ? 14.650  -2.176  -0.339  1.00 10.00 ? 1  DG  A "C2'"  1 
ATOM   8   C "C1'"  . DG  A 1 1  ? 15.318  -0.918  -0.870  1.00 10.00 ? 1  DG  A "C1'"  1 
ATOM   9   N N9     . DG  A 1 1  ? 14.637  -0.275  -2.002  1.00 10.00 ? 1  DG  A N9     1 
ATOM   10  C C8     . DG  A 1 1  ? 14.518  -0.778  -3.255  1.00 10.00 ? 1  DG  A C8     1 
ATOM   11  N N7     . DG  A 1 1  ? 14.019  0.051   -4.132  1.00 10.00 ? 1  DG  A N7     1 
ATOM   12  C C5     . DG  A 1 1  ? 13.813  1.223   -3.391  1.00 10.00 ? 1  DG  A C5     1 
ATOM   13  C C6     . DG  A 1 1  ? 13.365  2.539   -3.774  1.00 10.00 ? 1  DG  A C6     1 
ATOM   14  O O6     . DG  A 1 1  ? 13.033  2.979   -4.874  1.00 10.00 ? 1  DG  A O6     1 
ATOM   15  N N1     . DG  A 1 1  ? 13.356  3.435   -2.720  1.00 10.00 ? 1  DG  A N1     1 
ATOM   16  C C2     . DG  A 1 1  ? 13.740  3.127   -1.450  1.00 10.00 ? 1  DG  A C2     1 
ATOM   17  N N2     . DG  A 1 1  ? 13.704  4.083   -0.557  1.00 10.00 ? 1  DG  A N2     1 
ATOM   18  N N3     . DG  A 1 1  ? 14.166  1.926   -1.058  1.00 10.00 ? 1  DG  A N3     1 
ATOM   19  C C4     . DG  A 1 1  ? 14.183  1.019   -2.077  1.00 10.00 ? 1  DG  A C4     1 
ATOM   20  H "H5'"  . DG  A 1 1  ? 18.809  -2.718  -1.556  1.00 10.00 ? 1  DG  A "H5'"  1 
ATOM   21  H "H5''" . DG  A 1 1  ? 18.447  -3.982  -0.365  1.00 10.00 ? 1  DG  A "H5''" 1 
ATOM   22  H "H4'"  . DG  A 1 1  ? 17.568  -1.877  0.431   1.00 10.00 ? 1  DG  A "H4'"  1 
ATOM   23  H "H3'"  . DG  A 1 1  ? 15.702  -4.065  -0.222  1.00 10.00 ? 1  DG  A "H3'"  1 
ATOM   24  H "H2'"  . DG  A 1 1  ? 14.076  -2.688  -1.104  1.00 10.00 ? 1  DG  A "H2'"  1 
ATOM   25  H "H2''" . DG  A 1 1  ? 14.007  -1.908  0.472   1.00 10.00 ? 1  DG  A "H2''" 1 
ATOM   26  H "H1'"  . DG  A 1 1  ? 15.355  -0.193  -0.077  1.00 10.00 ? 1  DG  A "H1'"  1 
ATOM   27  H H8     . DG  A 1 1  ? 14.874  -1.779  -3.410  1.00 10.00 ? 1  DG  A H8     1 
ATOM   28  H H1     . DG  A 1 1  ? 13.080  4.385   -2.947  1.00 10.00 ? 1  DG  A H1     1 
ATOM   29  H H21    . DG  A 1 1  ? 13.399  5.030   -0.814  1.00 10.00 ? 1  DG  A H21    1 
ATOM   30  H H22    . DG  A 1 1  ? 13.931  3.824   0.384   1.00 10.00 ? 1  DG  A H22    1 
ATOM   31  H "HO5'" . DG  A 1 1  ? 18.011  -4.589  -2.596  1.00 10.00 ? 1  DG  A "HO5'" 1 
ATOM   32  P P      . DT  A 1 2  ? 14.724  -3.690  2.558   1.00 10.00 ? 2  DT  A P      1 
ATOM   33  O OP1    . DT  A 1 2  ? 15.346  -4.049  3.851   1.00 10.00 ? 2  DT  A OP1    1 
ATOM   34  O OP2    . DT  A 1 2  ? 13.967  -4.707  1.795   1.00 10.00 ? 2  DT  A OP2    1 
ATOM   35  O "O5'"  . DT  A 1 2  ? 13.751  -2.422  2.806   1.00 10.00 ? 2  DT  A "O5'"  1 
ATOM   36  C "C5'"  . DT  A 1 2  ? 14.234  -1.245  3.428   1.00 10.00 ? 2  DT  A "C5'"  1 
ATOM   37  C "C4'"  . DT  A 1 2  ? 13.208  -0.108  3.387   1.00 10.00 ? 2  DT  A "C4'"  1 
ATOM   38  O "O4'"  . DT  A 1 2  ? 12.987  0.368   2.073   1.00 10.00 ? 2  DT  A "O4'"  1 
ATOM   39  C "C3'"  . DT  A 1 2  ? 11.846  -0.451  4.005   1.00 10.00 ? 2  DT  A "C3'"  1 
ATOM   40  O "O3'"  . DT  A 1 2  ? 11.574  0.506   5.021   1.00 10.00 ? 2  DT  A "O3'"  1 
ATOM   41  C "C2'"  . DT  A 1 2  ? 10.905  -0.314  2.808   1.00 10.00 ? 2  DT  A "C2'"  1 
ATOM   42  C "C1'"  . DT  A 1 2  ? 11.626  0.740   1.967   1.00 10.00 ? 2  DT  A "C1'"  1 
ATOM   43  N N1     . DT  A 1 2  ? 11.237  0.823   0.544   1.00 10.00 ? 2  DT  A N1     1 
ATOM   44  C C2     . DT  A 1 2  ? 10.878  2.067   0.015   1.00 10.00 ? 2  DT  A C2     1 
ATOM   45  O O2     . DT  A 1 2  ? 10.814  3.097   0.679   1.00 10.00 ? 2  DT  A O2     1 
ATOM   46  N N3     . DT  A 1 2  ? 10.557  2.090   -1.323  1.00 10.00 ? 2  DT  A N3     1 
ATOM   47  C C4     . DT  A 1 2  ? 10.521  0.999   -2.167  1.00 10.00 ? 2  DT  A C4     1 
ATOM   48  O O4     . DT  A 1 2  ? 10.221  1.165   -3.344  1.00 10.00 ? 2  DT  A O4     1 
ATOM   49  C C5     . DT  A 1 2  ? 10.878  -0.268  -1.535  1.00 10.00 ? 2  DT  A C5     1 
ATOM   50  C C7     . DT  A 1 2  ? 10.852  -1.556  -2.327  1.00 10.00 ? 2  DT  A C7     1 
ATOM   51  C C6     . DT  A 1 2  ? 11.244  -0.306  -0.230  1.00 10.00 ? 2  DT  A C6     1 
ATOM   52  H "H5'"  . DT  A 1 2  ? 15.138  -0.909  2.918   1.00 10.00 ? 2  DT  A "H5'"  1 
ATOM   53  H "H5''" . DT  A 1 2  ? 14.482  -1.468  4.466   1.00 10.00 ? 2  DT  A "H5''" 1 
ATOM   54  H "H4'"  . DT  A 1 2  ? 13.633  0.729   3.923   1.00 10.00 ? 2  DT  A "H4'"  1 
ATOM   55  H "H3'"  . DT  A 1 2  ? 11.828  -1.464  4.412   1.00 10.00 ? 2  DT  A "H3'"  1 
ATOM   56  H "H2'"  . DT  A 1 2  ? 10.865  -1.265  2.276   1.00 10.00 ? 2  DT  A "H2'"  1 
ATOM   57  H "H2''" . DT  A 1 2  ? 9.908   0.000   3.102   1.00 10.00 ? 2  DT  A "H2''" 1 
ATOM   58  H "H1'"  . DT  A 1 2  ? 11.442  1.712   2.425   1.00 10.00 ? 2  DT  A "H1'"  1 
ATOM   59  H H3     . DT  A 1 2  ? 10.275  2.986   -1.711  1.00 10.00 ? 2  DT  A H3     1 
ATOM   60  H H71    . DT  A 1 2  ? 11.551  -1.485  -3.160  1.00 10.00 ? 2  DT  A H71    1 
ATOM   61  H H72    . DT  A 1 2  ? 9.845   -1.707  -2.717  1.00 10.00 ? 2  DT  A H72    1 
ATOM   62  H H73    . DT  A 1 2  ? 11.111  -2.398  -1.685  1.00 10.00 ? 2  DT  A H73    1 
ATOM   63  H H6     . DT  A 1 2  ? 11.606  -1.208  0.233   1.00 10.00 ? 2  DT  A H6     1 
ATOM   64  P P      . DC  A 1 3  ? 10.287  0.424   6.003   1.00 10.00 ? 3  DC  A P      1 
ATOM   65  O OP1    . DC  A 1 3  ? 10.763  0.580   7.395   1.00 10.00 ? 3  DC  A OP1    1 
ATOM   66  O OP2    . DC  A 1 3  ? 9.475   -0.755  5.631   1.00 10.00 ? 3  DC  A OP2    1 
ATOM   67  O "O5'"  . DC  A 1 3  ? 9.447   1.746   5.602   1.00 10.00 ? 3  DC  A "O5'"  1 
ATOM   68  C "C5'"  . DC  A 1 3  ? 9.903   3.044   5.948   1.00 10.00 ? 3  DC  A "C5'"  1 
ATOM   69  C "C4'"  . DC  A 1 3  ? 8.938   4.142   5.483   1.00 10.00 ? 3  DC  A "C4'"  1 
ATOM   70  O "O4'"  . DC  A 1 3  ? 8.878   4.143   4.064   1.00 10.00 ? 3  DC  A "O4'"  1 
ATOM   71  C "C3'"  . DC  A 1 3  ? 7.510   3.981   6.025   1.00 10.00 ? 3  DC  A "C3'"  1 
ATOM   72  O "O3'"  . DC  A 1 3  ? 7.059   5.239   6.506   1.00 10.00 ? 3  DC  A "O3'"  1 
ATOM   73  C "C2'"  . DC  A 1 3  ? 6.747   3.485   4.799   1.00 10.00 ? 3  DC  A "C2'"  1 
ATOM   74  C "C1'"  . DC  A 1 3  ? 7.529   4.089   3.627   1.00 10.00 ? 3  DC  A "C1'"  1 
ATOM   75  N N1     . DC  A 1 3  ? 7.476   3.254   2.392   1.00 10.00 ? 3  DC  A N1     1 
ATOM   76  C C2     . DC  A 1 3  ? 7.075   3.822   1.174   1.00 10.00 ? 3  DC  A C2     1 
ATOM   77  O O2     . DC  A 1 3  ? 6.681   4.984   1.103   1.00 10.00 ? 3  DC  A O2     1 
ATOM   78  N N3     . DC  A 1 3  ? 7.105   3.083   0.034   1.00 10.00 ? 3  DC  A N3     1 
ATOM   79  C C4     . DC  A 1 3  ? 7.536   1.833   0.084   1.00 10.00 ? 3  DC  A C4     1 
ATOM   80  N N4     . DC  A 1 3  ? 7.520   1.140   -1.028  1.00 10.00 ? 3  DC  A N4     1 
ATOM   81  C C5     . DC  A 1 3  ? 8.031   1.235   1.282   1.00 10.00 ? 3  DC  A C5     1 
ATOM   82  C C6     . DC  A 1 3  ? 7.953   1.969   2.418   1.00 10.00 ? 3  DC  A C6     1 
ATOM   83  H "H5'"  . DC  A 1 3  ? 10.877  3.216   5.490   1.00 10.00 ? 3  DC  A "H5'"  1 
ATOM   84  H "H5''" . DC  A 1 3  ? 10.011  3.108   7.033   1.00 10.00 ? 3  DC  A "H5''" 1 
ATOM   85  H "H4'"  . DC  A 1 3  ? 9.333   5.103   5.816   1.00 10.00 ? 3  DC  A "H4'"  1 
ATOM   86  H "H3'"  . DC  A 1 3  ? 7.474   3.244   6.829   1.00 10.00 ? 3  DC  A "H3'"  1 
ATOM   87  H "H2'"  . DC  A 1 3  ? 6.779   2.397   4.784   1.00 10.00 ? 3  DC  A "H2'"  1 
ATOM   88  H "H2''" . DC  A 1 3  ? 5.714   3.818   4.801   1.00 10.00 ? 3  DC  A "H2''" 1 
ATOM   89  H "H1'"  . DC  A 1 3  ? 7.165   5.104   3.429   1.00 10.00 ? 3  DC  A "H1'"  1 
ATOM   90  H H41    . DC  A 1 3  ? 7.179   1.585   -1.886  1.00 10.00 ? 3  DC  A H41    1 
ATOM   91  H H42    . DC  A 1 3  ? 7.765   0.174   -1.029  1.00 10.00 ? 3  DC  A H42    1 
ATOM   92  H H5     . DC  A 1 3  ? 8.488   0.258   1.303   1.00 10.00 ? 3  DC  A H5     1 
ATOM   93  H H6     . DC  A 1 3  ? 8.292   1.566   3.361   1.00 10.00 ? 3  DC  A H6     1 
ATOM   94  P P      . DC  A 1 4  ? 5.608   5.452   7.199   1.00 10.00 ? 4  DC  A P      1 
ATOM   95  O OP1    . DC  A 1 4  ? 5.750   6.459   8.273   1.00 10.00 ? 4  DC  A OP1    1 
ATOM   96  O OP2    . DC  A 1 4  ? 5.020   4.127   7.499   1.00 10.00 ? 4  DC  A OP2    1 
ATOM   97  O "O5'"  . DC  A 1 4  ? 4.767   6.109   5.991   1.00 10.00 ? 4  DC  A "O5'"  1 
ATOM   98  C "C5'"  . DC  A 1 4  ? 5.086   7.402   5.507   1.00 10.00 ? 4  DC  A "C5'"  1 
ATOM   99  C "C4'"  . DC  A 1 4  ? 4.271   7.734   4.256   1.00 10.00 ? 4  DC  A "C4'"  1 
ATOM   100 O "O4'"  . DC  A 1 4  ? 4.554   6.773   3.253   1.00 10.00 ? 4  DC  A "O4'"  1 
ATOM   101 C "C3'"  . DC  A 1 4  ? 2.754   7.762   4.484   1.00 10.00 ? 4  DC  A "C3'"  1 
ATOM   102 O "O3'"  . DC  A 1 4  ? 2.212   9.032   4.162   1.00 10.00 ? 4  DC  A "O3'"  1 
ATOM   103 C "C2'"  . DC  A 1 4  ? 2.242   6.645   3.575   1.00 10.00 ? 4  DC  A "C2'"  1 
ATOM   104 C "C1'"  . DC  A 1 4  ? 3.364   6.455   2.557   1.00 10.00 ? 4  DC  A "C1'"  1 
ATOM   105 N N1     . DC  A 1 4  ? 3.470   5.041   2.108   1.00 10.00 ? 4  DC  A N1     1 
ATOM   106 C C2     . DC  A 1 4  ? 3.440   4.742   0.741   1.00 10.00 ? 4  DC  A C2     1 
ATOM   107 O O2     . DC  A 1 4  ? 3.212   5.606   -0.107  1.00 10.00 ? 4  DC  A O2     1 
ATOM   108 N N3     . DC  A 1 4  ? 3.646   3.467   0.329   1.00 10.00 ? 4  DC  A N3     1 
ATOM   109 C C4     . DC  A 1 4  ? 3.835   2.509   1.220   1.00 10.00 ? 4  DC  A C4     1 
ATOM   110 N N4     . DC  A 1 4  ? 4.023   1.299   0.757   1.00 10.00 ? 4  DC  A N4     1 
ATOM   111 C C5     . DC  A 1 4  ? 3.829   2.751   2.625   1.00 10.00 ? 4  DC  A C5     1 
ATOM   112 C C6     . DC  A 1 4  ? 3.647   4.033   3.027   1.00 10.00 ? 4  DC  A C6     1 
ATOM   113 H "H5'"  . DC  A 1 4  ? 6.145   7.441   5.248   1.00 10.00 ? 4  DC  A "H5'"  1 
ATOM   114 H "H5''" . DC  A 1 4  ? 4.884   8.143   6.281   1.00 10.00 ? 4  DC  A "H5''" 1 
ATOM   115 H "H4'"  . DC  A 1 4  ? 4.581   8.716   3.892   1.00 10.00 ? 4  DC  A "H4'"  1 
ATOM   116 H "H3'"  . DC  A 1 4  ? 2.535   7.520   5.526   1.00 10.00 ? 4  DC  A "H3'"  1 
ATOM   117 H "H2'"  . DC  A 1 4  ? 2.022   5.741   4.140   1.00 10.00 ? 4  DC  A "H2'"  1 
ATOM   118 H "H2''" . DC  A 1 4  ? 1.348   6.956   3.057   1.00 10.00 ? 4  DC  A "H2''" 1 
ATOM   119 H "H1'"  . DC  A 1 4  ? 3.224   7.134   1.709   1.00 10.00 ? 4  DC  A "H1'"  1 
ATOM   120 H H41    . DC  A 1 4  ? 4.083   1.189   -0.262  1.00 10.00 ? 4  DC  A H41    1 
ATOM   121 H H42    . DC  A 1 4  ? 4.103   0.509   1.365   1.00 10.00 ? 4  DC  A H42    1 
ATOM   122 H H5     . DC  A 1 4  ? 3.969   1.964   3.348   1.00 10.00 ? 4  DC  A H5     1 
ATOM   123 H H6     . DC  A 1 4  ? 3.645   4.288   4.080   1.00 10.00 ? 4  DC  A H6     1 
HETATM 124 C C8A    . A3A A 1 5  ? -1.878  5.956   -1.081  1.00 10.00 ? 5  A3A A C8A    1 
HETATM 125 N N9A    . A3A A 1 5  ? -1.197  5.460   -0.002  1.00 10.00 ? 5  A3A A N9A    1 
HETATM 126 C C4A    . A3A A 1 5  ? -0.601  4.299   -0.443  1.00 10.00 ? 5  A3A A C4A    1 
HETATM 127 C C5A    . A3A A 1 5  ? -0.928  4.191   -1.766  1.00 10.00 ? 5  A3A A C5A    1 
HETATM 128 N N7A    . A3A A 1 5  ? -1.733  5.259   -2.174  1.00 10.00 ? 5  A3A A N7A    1 
HETATM 129 N N3A    . A3A A 1 5  ? 0.161   3.432   0.282   1.00 10.00 ? 5  A3A A N3A    1 
HETATM 130 C C2A    . A3A A 1 5  ? 0.555   2.389   -0.452  1.00 10.00 ? 5  A3A A C2A    1 
HETATM 131 N N1A    . A3A A 1 5  ? 0.327   2.153   -1.744  1.00 10.00 ? 5  A3A A N1A    1 
HETATM 132 C C6A    . A3A A 1 5  ? -0.415  3.046   -2.413  1.00 10.00 ? 5  A3A A C6A    1 
HETATM 133 N N6A    . A3A A 1 5  ? -0.655  2.778   -3.684  1.00 10.00 ? 5  A3A A N6A    1 
HETATM 134 P P      . A3A A 1 5  ? 0.723   9.464   4.634   1.00 10.00 ? 5  A3A A P      1 
HETATM 135 O OP1    . A3A A 1 5  ? 0.590   10.928  4.463   1.00 10.00 ? 5  A3A A OP1    1 
HETATM 136 O OP2    . A3A A 1 5  ? 0.451   8.852   5.953   1.00 10.00 ? 5  A3A A OP2    1 
HETATM 137 O "O6'"  . A3A A 1 5  ? -0.216  8.736   3.543   1.00 10.00 ? 5  A3A A "O6'"  1 
HETATM 138 C "C5'"  . A3A A 1 5  ? -0.437  9.312   2.270   1.00 10.00 ? 5  A3A A "C5'"  1 
HETATM 139 C "C4'"  . A3A A 1 5  ? -1.165  8.395   1.306   1.00 10.00 ? 5  A3A A "C4'"  1 
HETATM 140 O "O5'"  . A3A A 1 5  ? -0.278  7.345   0.995   1.00 10.00 ? 5  A3A A "O5'"  1 
HETATM 141 C "C3'"  . A3A A 1 5  ? -2.468  7.850   1.907   1.00 10.00 ? 5  A3A A "C3'"  1 
HETATM 142 O "O3'"  . A3A A 1 5  ? -3.561  7.932   1.024   1.00 10.00 ? 5  A3A A "O3'"  1 
HETATM 143 C "C2'"  . A3A A 1 5  ? -2.083  6.422   2.231   1.00 10.00 ? 5  A3A A "C2'"  1 
HETATM 144 C "C1'"  . A3A A 1 5  ? -0.926  6.137   1.279   1.00 10.00 ? 5  A3A A "C1'"  1 
HETATM 145 H H8A    . A3A A 1 5  ? -2.460  6.865   -1.008  1.00 10.00 ? 5  A3A A H8A    1 
HETATM 146 H H2A    . A3A A 1 5  ? 1.215   1.689   0.037   1.00 10.00 ? 5  A3A A H2A    1 
HETATM 147 H HN61   . A3A A 1 5  ? -0.315  1.902   -4.082  1.00 10.00 ? 5  A3A A HN61   1 
HETATM 148 H HN62   . A3A A 1 5  ? -1.243  3.404   -4.205  1.00 10.00 ? 5  A3A A HN62   1 
HETATM 149 H "H5'"  . A3A A 1 5  ? 0.503   9.646   1.829   1.00 10.00 ? 5  A3A A "H5'"  1 
HETATM 150 H "H5''" . A3A A 1 5  ? -1.101  10.133  2.416   1.00 10.00 ? 5  A3A A "H5''" 1 
HETATM 151 H "H4'"  . A3A A 1 5  ? -1.402  8.922   0.377   1.00 10.00 ? 5  A3A A "H4'"  1 
HETATM 152 H "H3'"  . A3A A 1 5  ? -2.717  8.389   2.824   1.00 10.00 ? 5  A3A A "H3'"  1 
HETATM 153 H "H2'"  . A3A A 1 5  ? -1.711  6.390   3.257   1.00 10.00 ? 5  A3A A "H2'"  1 
HETATM 154 H "H2''" . A3A A 1 5  ? -2.903  5.711   2.135   1.00 10.00 ? 5  A3A A "H2''" 1 
HETATM 155 H "H1'"  . A3A A 1 5  ? -0.328  5.510   1.889   1.00 10.00 ? 5  A3A A "H1'"  1 
ATOM   156 P P      . DC  A 1 6  ? -5.081  7.754   1.553   1.00 10.00 ? 6  DC  A P      1 
ATOM   157 O OP1    . DC  A 1 6  ? -5.756  9.068   1.494   1.00 10.00 ? 6  DC  A OP1    1 
ATOM   158 O OP2    . DC  A 1 6  ? -5.087  6.969   2.808   1.00 10.00 ? 6  DC  A OP2    1 
ATOM   159 O "O5'"  . DC  A 1 6  ? -5.643  6.821   0.382   1.00 10.00 ? 6  DC  A "O5'"  1 
ATOM   160 C "C5'"  . DC  A 1 6  ? -5.842  7.357   -0.902  1.00 10.00 ? 6  DC  A "C5'"  1 
ATOM   161 C "C4'"  . DC  A 1 6  ? -5.843  6.290   -1.983  1.00 10.00 ? 6  DC  A "C4'"  1 
ATOM   162 O "O4'"  . DC  A 1 6  ? -4.690  5.498   -1.919  1.00 10.00 ? 6  DC  A "O4'"  1 
ATOM   163 C "C3'"  . DC  A 1 6  ? -7.092  5.393   -1.968  1.00 10.00 ? 6  DC  A "C3'"  1 
ATOM   164 O "O3'"  . DC  A 1 6  ? -7.820  5.633   -3.164  1.00 10.00 ? 6  DC  A "O3'"  1 
ATOM   165 C "C2'"  . DC  A 1 6  ? -6.517  3.995   -1.877  1.00 10.00 ? 6  DC  A "C2'"  1 
ATOM   166 C "C1'"  . DC  A 1 6  ? -5.029  4.145   -2.115  1.00 10.00 ? 6  DC  A "C1'"  1 
ATOM   167 N N1     . DC  A 1 6  ? -4.280  3.342   -1.134  1.00 10.00 ? 6  DC  A N1     1 
ATOM   168 C C2     . DC  A 1 6  ? -3.611  2.197   -1.548  1.00 10.00 ? 6  DC  A C2     1 
ATOM   169 O O2     . DC  A 1 6  ? -3.687  1.796   -2.706  1.00 10.00 ? 6  DC  A O2     1 
ATOM   170 N N3     . DC  A 1 6  ? -2.848  1.515   -0.665  1.00 10.00 ? 6  DC  A N3     1 
ATOM   171 C C4     . DC  A 1 6  ? -2.791  1.917   0.594   1.00 10.00 ? 6  DC  A C4     1 
ATOM   172 N N4     . DC  A 1 6  ? -1.950  1.259   1.351   1.00 10.00 ? 6  DC  A N4     1 
ATOM   173 C C5     . DC  A 1 6  ? -3.498  3.065   1.077   1.00 10.00 ? 6  DC  A C5     1 
ATOM   174 C C6     . DC  A 1 6  ? -4.246  3.746   0.171   1.00 10.00 ? 6  DC  A C6     1 
ATOM   175 H "H5'"  . DC  A 1 6  ? -5.062  8.084   -1.132  1.00 10.00 ? 6  DC  A "H5'"  1 
ATOM   176 H "H5''" . DC  A 1 6  ? -6.808  7.837   -0.891  1.00 10.00 ? 6  DC  A "H5''" 1 
ATOM   177 H "H4'"  . DC  A 1 6  ? -5.822  6.783   -2.942  1.00 10.00 ? 6  DC  A "H4'"  1 
ATOM   178 H "H3'"  . DC  A 1 6  ? -7.725  5.539   -1.091  1.00 10.00 ? 6  DC  A "H3'"  1 
ATOM   179 H "H2'"  . DC  A 1 6  ? -6.675  3.654   -0.853  1.00 10.00 ? 6  DC  A "H2'"  1 
ATOM   180 H "H2''" . DC  A 1 6  ? -6.937  3.319   -2.617  1.00 10.00 ? 6  DC  A "H2''" 1 
ATOM   181 H "H1'"  . DC  A 1 6  ? -4.797  3.832   -3.128  1.00 10.00 ? 6  DC  A "H1'"  1 
ATOM   182 H H41    . DC  A 1 6  ? -1.452  0.474   0.923   1.00 10.00 ? 6  DC  A H41    1 
ATOM   183 H H42    . DC  A 1 6  ? -1.647  1.632   2.219   1.00 10.00 ? 6  DC  A H42    1 
ATOM   184 H H5     . DC  A 1 6  ? -3.464  3.371   2.109   1.00 10.00 ? 6  DC  A H5     1 
ATOM   185 H H6     . DC  A 1 6  ? -4.852  4.626   0.381   1.00 10.00 ? 6  DC  A H6     1 
ATOM   186 P P      . DG  A 1 7  ? -9.342  5.131   -3.385  1.00 10.00 ? 7  DG  A P      1 
ATOM   187 O OP1    . DG  A 1 7  ? -9.928  5.911   -4.497  1.00 10.00 ? 7  DG  A OP1    1 
ATOM   188 O OP2    . DG  A 1 7  ? -10.023 5.096   -2.072  1.00 10.00 ? 7  DG  A OP2    1 
ATOM   189 O "O5'"  . DG  A 1 7  ? -9.149  3.614   -3.884  1.00 10.00 ? 7  DG  A "O5'"  1 
ATOM   190 C "C5'"  . DG  A 1 7  ? -8.604  3.297   -5.154  1.00 10.00 ? 7  DG  A "C5'"  1 
ATOM   191 C "C4'"  . DG  A 1 7  ? -8.516  1.775   -5.333  1.00 10.00 ? 7  DG  A "C4'"  1 
ATOM   192 O "O4'"  . DG  A 1 7  ? -7.587  1.227   -4.410  1.00 10.00 ? 7  DG  A "O4'"  1 
ATOM   193 C "C3'"  . DG  A 1 7  ? -9.859  1.070   -5.118  1.00 10.00 ? 7  DG  A "C3'"  1 
ATOM   194 O "O3'"  . DG  A 1 7  ? -9.968  0.056   -6.105  1.00 10.00 ? 7  DG  A "O3'"  1 
ATOM   195 C "C2'"  . DG  A 1 7  ? -9.708  0.589   -3.685  1.00 10.00 ? 7  DG  A "C2'"  1 
ATOM   196 C "C1'"  . DG  A 1 7  ? -8.227  0.220   -3.645  1.00 10.00 ? 7  DG  A "C1'"  1 
ATOM   197 N N9     . DG  A 1 7  ? -7.617  0.221   -2.295  1.00 10.00 ? 7  DG  A N9     1 
ATOM   198 C C8     . DG  A 1 7  ? -7.862  1.082   -1.255  1.00 10.00 ? 7  DG  A C8     1 
ATOM   199 N N7     . DG  A 1 7  ? -7.038  0.958   -0.252  1.00 10.00 ? 7  DG  A N7     1 
ATOM   200 C C5     . DG  A 1 7  ? -6.234  -0.128  -0.617  1.00 10.00 ? 7  DG  A C5     1 
ATOM   201 C C6     . DG  A 1 7  ? -5.187  -0.814  0.089   1.00 10.00 ? 7  DG  A C6     1 
ATOM   202 O O6     . DG  A 1 7  ? -4.667  -0.551  1.169   1.00 10.00 ? 7  DG  A O6     1 
ATOM   203 N N1     . DG  A 1 7  ? -4.749  -1.956  -0.550  1.00 10.00 ? 7  DG  A N1     1 
ATOM   204 C C2     . DG  A 1 7  ? -5.193  -2.363  -1.770  1.00 10.00 ? 7  DG  A C2     1 
ATOM   205 N N2     . DG  A 1 7  ? -4.769  -3.532  -2.193  1.00 10.00 ? 7  DG  A N2     1 
ATOM   206 N N3     . DG  A 1 7  ? -6.111  -1.714  -2.493  1.00 10.00 ? 7  DG  A N3     1 
ATOM   207 C C4     . DG  A 1 7  ? -6.610  -0.610  -1.854  1.00 10.00 ? 7  DG  A C4     1 
ATOM   208 H "H5'"  . DG  A 1 7  ? -7.606  3.728   -5.245  1.00 10.00 ? 7  DG  A "H5'"  1 
ATOM   209 H "H5''" . DG  A 1 7  ? -9.241  3.715   -5.934  1.00 10.00 ? 7  DG  A "H5''" 1 
ATOM   210 H "H4'"  . DG  A 1 7  ? -8.155  1.546   -6.333  1.00 10.00 ? 7  DG  A "H4'"  1 
ATOM   211 H "H3'"  . DG  A 1 7  ? -10.715 1.735   -5.180  1.00 10.00 ? 7  DG  A "H3'"  1 
ATOM   212 H "H2'"  . DG  A 1 7  ? -9.922  1.413   -3.011  1.00 10.00 ? 7  DG  A "H2'"  1 
ATOM   213 H "H2''" . DG  A 1 7  ? -10.382 -0.224  -3.464  1.00 10.00 ? 7  DG  A "H2''" 1 
ATOM   214 H "H1'"  . DG  A 1 7  ? -8.089  -0.749  -4.124  1.00 10.00 ? 7  DG  A "H1'"  1 
ATOM   215 H H8     . DG  A 1 7  ? -8.645  1.831   -1.296  1.00 10.00 ? 7  DG  A H8     1 
ATOM   216 H H1     . DG  A 1 7  ? -4.125  -2.554  -0.016  1.00 10.00 ? 7  DG  A H1     1 
ATOM   217 H H21    . DG  A 1 7  ? -4.200  -4.143  -1.595  1.00 10.00 ? 7  DG  A H21    1 
ATOM   218 H H22    . DG  A 1 7  ? -5.169  -3.853  -3.053  1.00 10.00 ? 7  DG  A H22    1 
ATOM   219 P P      . DA  A 1 8  ? -11.182 -1.005  -6.186  1.00 10.00 ? 8  DA  A P      1 
ATOM   220 O OP1    . DA  A 1 8  ? -11.482 -1.269  -7.610  1.00 10.00 ? 8  DA  A OP1    1 
ATOM   221 O OP2    . DA  A 1 8  ? -12.262 -0.586  -5.265  1.00 10.00 ? 8  DA  A OP2    1 
ATOM   222 O "O5'"  . DA  A 1 8  ? -10.460 -2.304  -5.567  1.00 10.00 ? 8  DA  A "O5'"  1 
ATOM   223 C "C5'"  . DA  A 1 8  ? -9.409  -2.962  -6.260  1.00 10.00 ? 8  DA  A "C5'"  1 
ATOM   224 C "C4'"  . DA  A 1 8  ? -8.880  -4.114  -5.405  1.00 10.00 ? 8  DA  A "C4'"  1 
ATOM   225 O "O4'"  . DA  A 1 8  ? -8.331  -3.608  -4.201  1.00 10.00 ? 8  DA  A "O4'"  1 
ATOM   226 C "C3'"  . DA  A 1 8  ? -9.965  -5.134  -5.086  1.00 10.00 ? 8  DA  A "C3'"  1 
ATOM   227 O "O3'"  . DA  A 1 8  ? -9.495  -6.415  -5.477  1.00 10.00 ? 8  DA  A "O3'"  1 
ATOM   228 C "C2'"  . DA  A 1 8  ? -10.090 -4.953  -3.590  1.00 10.00 ? 8  DA  A "C2'"  1 
ATOM   229 C "C1'"  . DA  A 1 8  ? -8.728  -4.453  -3.145  1.00 10.00 ? 8  DA  A "C1'"  1 
ATOM   230 N N9     . DA  A 1 8  ? -8.849  -3.667  -1.911  1.00 10.00 ? 8  DA  A N9     1 
ATOM   231 C C8     . DA  A 1 8  ? -9.660  -2.592  -1.716  1.00 10.00 ? 8  DA  A C8     1 
ATOM   232 N N7     . DA  A 1 8  ? -9.442  -1.932  -0.612  1.00 10.00 ? 8  DA  A N7     1 
ATOM   233 C C5     . DA  A 1 8  ? -8.442  -2.701  0.003   1.00 10.00 ? 8  DA  A C5     1 
ATOM   234 C C6     . DA  A 1 8  ? -7.695  -2.600  1.201   1.00 10.00 ? 8  DA  A C6     1 
ATOM   235 N N6     . DA  A 1 8  ? -7.680  -1.558  2.015   1.00 10.00 ? 8  DA  A N6     1 
ATOM   236 N N1     . DA  A 1 8  ? -6.852  -3.574  1.546   1.00 10.00 ? 8  DA  A N1     1 
ATOM   237 C C2     . DA  A 1 8  ? -6.703  -4.613  0.737   1.00 10.00 ? 8  DA  A C2     1 
ATOM   238 N N3     . DA  A 1 8  ? -7.275  -4.813  -0.444  1.00 10.00 ? 8  DA  A N3     1 
ATOM   239 C C4     . DA  A 1 8  ? -8.135  -3.806  -0.753  1.00 10.00 ? 8  DA  A C4     1 
ATOM   240 H "H5'"  . DA  A 1 8  ? -8.598  -2.263  -6.468  1.00 10.00 ? 8  DA  A "H5'"  1 
ATOM   241 H "H5''" . DA  A 1 8  ? -9.785  -3.355  -7.205  1.00 10.00 ? 8  DA  A "H5''" 1 
ATOM   242 H "H4'"  . DA  A 1 8  ? -8.101  -4.662  -5.914  1.00 10.00 ? 8  DA  A "H4'"  1 
ATOM   243 H "H3'"  . DA  A 1 8  ? -10.909 -4.891  -5.575  1.00 10.00 ? 8  DA  A "H3'"  1 
ATOM   244 H "H2'"  . DA  A 1 8  ? -10.887 -4.239  -3.391  1.00 10.00 ? 8  DA  A "H2'"  1 
ATOM   245 H "H2''" . DA  A 1 8  ? -10.286 -5.872  -3.104  1.00 10.00 ? 8  DA  A "H2''" 1 
ATOM   246 H "H1'"  . DA  A 1 8  ? -8.027  -5.281  -3.012  1.00 10.00 ? 8  DA  A "H1'"  1 
ATOM   247 H H8     . DA  A 1 8  ? -10.382 -2.363  -2.481  1.00 10.00 ? 8  DA  A H8     1 
ATOM   248 H H61    . DA  A 1 8  ? -7.008  -1.554  2.781   1.00 10.00 ? 8  DA  A H61    1 
ATOM   249 H H62    . DA  A 1 8  ? -8.213  -0.738  1.776   1.00 10.00 ? 8  DA  A H62    1 
ATOM   250 H H2     . DA  A 1 8  ? -6.024  -5.371  1.092   1.00 10.00 ? 8  DA  A H2     1 
ATOM   251 P P      . DC  A 1 9  ? -10.357 -7.767  -5.293  1.00 10.00 ? 9  DC  A P      1 
ATOM   252 O OP1    . DC  A 1 9  ? -9.865  -8.767  -6.265  1.00 10.00 ? 9  DC  A OP1    1 
ATOM   253 O OP2    . DC  A 1 9  ? -11.794 -7.412  -5.256  1.00 10.00 ? 9  DC  A OP2    1 
ATOM   254 O "O5'"  . DC  A 1 9  ? -9.920  -8.238  -3.816  1.00 10.00 ? 9  DC  A "O5'"  1 
ATOM   255 C "C5'"  . DC  A 1 9  ? -8.589  -8.628  -3.527  1.00 10.00 ? 9  DC  A "C5'"  1 
ATOM   256 C "C4'"  . DC  A 1 9  ? -8.476  -9.176  -2.101  1.00 10.00 ? 9  DC  A "C4'"  1 
ATOM   257 O "O4'"  . DC  A 1 9  ? -8.532  -8.143  -1.130  1.00 10.00 ? 9  DC  A "O4'"  1 
ATOM   258 C "C3'"  . DC  A 1 9  ? -9.519  -10.237 -1.784  1.00 10.00 ? 9  DC  A "C3'"  1 
ATOM   259 O "O3'"  . DC  A 1 9  ? -8.888  -11.356 -1.181  1.00 10.00 ? 9  DC  A "O3'"  1 
ATOM   260 C "C2'"  . DC  A 1 9  ? -10.421 -9.442  -0.865  1.00 10.00 ? 9  DC  A "C2'"  1 
ATOM   261 C "C1'"  . DC  A 1 9  ? -9.485  -8.473  -0.138  1.00 10.00 ? 9  DC  A "C1'"  1 
ATOM   262 N N1     . DC  A 1 9  ? -10.000 -7.178  0.414   1.00 10.00 ? 9  DC  A N1     1 
ATOM   263 C C2     . DC  A 1 9  ? -9.405  -6.688  1.586   1.00 10.00 ? 9  DC  A C2     1 
ATOM   264 O O2     . DC  A 1 9  ? -8.596  -7.354  2.230   1.00 10.00 ? 9  DC  A O2     1 
ATOM   265 N N3     . DC  A 1 9  ? -9.730  -5.461  2.066   1.00 10.00 ? 9  DC  A N3     1 
ATOM   266 C C4     . DC  A 1 9  ? -10.623 -4.734  1.420   1.00 10.00 ? 9  DC  A C4     1 
ATOM   267 N N4     . DC  A 1 9  ? -10.874 -3.554  1.925   1.00 10.00 ? 9  DC  A N4     1 
ATOM   268 C C5     . DC  A 1 9  ? -11.272 -5.174  0.229   1.00 10.00 ? 9  DC  A C5     1 
ATOM   269 C C6     . DC  A 1 9  ? -10.938 -6.408  -0.239  1.00 10.00 ? 9  DC  A C6     1 
ATOM   270 H "H5'"  . DC  A 1 9  ? -7.917  -7.777  -3.643  1.00 10.00 ? 9  DC  A "H5'"  1 
ATOM   271 H "H5''" . DC  A 1 9  ? -8.288  -9.411  -4.225  1.00 10.00 ? 9  DC  A "H5''" 1 
ATOM   272 H "H4'"  . DC  A 1 9  ? -7.529  -9.654  -1.991  1.00 10.00 ? 9  DC  A "H4'"  1 
ATOM   273 H "H3'"  . DC  A 1 9  ? -10.063 -10.534 -2.680  1.00 10.00 ? 9  DC  A "H3'"  1 
ATOM   274 H "H2'"  . DC  A 1 9  ? -11.071 -8.900  -1.516  1.00 10.00 ? 9  DC  A "H2'"  1 
ATOM   275 H "H2''" . DC  A 1 9  ? -10.961 -10.120 -0.221  1.00 10.00 ? 9  DC  A "H2''" 1 
ATOM   276 H "H1'"  . DC  A 1 9  ? -9.073  -9.047  0.693   1.00 10.00 ? 9  DC  A "H1'"  1 
ATOM   277 H H41    . DC  A 1 9  ? -10.370 -3.284  2.773   1.00 10.00 ? 9  DC  A H41    1 
ATOM   278 H H42    . DC  A 1 9  ? -11.508 -2.929  1.467   1.00 10.00 ? 9  DC  A H42    1 
ATOM   279 H H5     . DC  A 1 9  ? -12.016 -4.556  -0.254  1.00 10.00 ? 9  DC  A H5     1 
ATOM   280 H H6     . DC  A 1 9  ? -11.424 -6.838  -1.098  1.00 10.00 ? 9  DC  A H6     1 
ATOM   281 P P      . DG  A 1 10 ? -9.693  -12.703 -0.798  1.00 10.00 ? 10 DG  A P      1 
ATOM   282 O OP1    . DG  A 1 10 ? -8.730  -13.825 -0.754  1.00 10.00 ? 10 DG  A OP1    1 
ATOM   283 O OP2    . DG  A 1 10 ? -10.899 -12.796 -1.650  1.00 10.00 ? 10 DG  A OP2    1 
ATOM   284 O "O5'"  . DG  A 1 10 ? -10.158 -12.366 0.704   1.00 10.00 ? 10 DG  A "O5'"  1 
ATOM   285 C "C5'"  . DG  A 1 10 ? -9.239  -12.406 1.778   1.00 10.00 ? 10 DG  A "C5'"  1 
ATOM   286 C "C4'"  . DG  A 1 10 ? -9.823  -11.768 3.040   1.00 10.00 ? 10 DG  A "C4'"  1 
ATOM   287 O "O4'"  . DG  A 1 10 ? -9.958  -10.367 2.892   1.00 10.00 ? 10 DG  A "O4'"  1 
ATOM   288 C "C3'"  . DG  A 1 10 ? -11.213 -12.286 3.428   1.00 10.00 ? 10 DG  A "C3'"  1 
ATOM   289 O "O3'"  . DG  A 1 10 ? -11.113 -13.317 4.394   1.00 10.00 ? 10 DG  A "O3'"  1 
ATOM   290 C "C2'"  . DG  A 1 10 ? -11.887 -11.047 4.017   1.00 10.00 ? 10 DG  A "C2'"  1 
ATOM   291 C "C1'"  . DG  A 1 10 ? -10.825 -9.943  3.926   1.00 10.00 ? 10 DG  A "C1'"  1 
ATOM   292 N N9     . DG  A 1 10 ? -11.453 -8.652  3.595   1.00 10.00 ? 10 DG  A N9     1 
ATOM   293 C C8     . DG  A 1 10 ? -12.262 -8.361  2.530   1.00 10.00 ? 10 DG  A C8     1 
ATOM   294 N N7     . DG  A 1 10 ? -12.794 -7.172  2.567   1.00 10.00 ? 10 DG  A N7     1 
ATOM   295 C C5     . DG  A 1 10 ? -12.290 -6.624  3.752   1.00 10.00 ? 10 DG  A C5     1 
ATOM   296 C C6     . DG  A 1 10 ? -12.503 -5.349  4.376   1.00 10.00 ? 10 DG  A C6     1 
ATOM   297 O O6     . DG  A 1 10 ? -13.184 -4.392  4.008   1.00 10.00 ? 10 DG  A O6     1 
ATOM   298 N N1     . DG  A 1 10 ? -11.831 -5.217  5.575   1.00 10.00 ? 10 DG  A N1     1 
ATOM   299 C C2     . DG  A 1 10 ? -11.040 -6.176  6.126   1.00 10.00 ? 10 DG  A C2     1 
ATOM   300 N N2     . DG  A 1 10 ? -10.480 -5.895  7.279   1.00 10.00 ? 10 DG  A N2     1 
ATOM   301 N N3     . DG  A 1 10 ? -10.817 -7.371  5.579   1.00 10.00 ? 10 DG  A N3     1 
ATOM   302 C C4     . DG  A 1 10 ? -11.467 -7.531  4.387   1.00 10.00 ? 10 DG  A C4     1 
ATOM   303 H "H5'"  . DG  A 1 10 ? -8.329  -11.868 1.506   1.00 10.00 ? 10 DG  A "H5'"  1 
ATOM   304 H "H5''" . DG  A 1 10 ? -8.985  -13.445 1.988   1.00 10.00 ? 10 DG  A "H5''" 1 
ATOM   305 H "H4'"  . DG  A 1 10 ? -9.131  -11.978 3.859   1.00 10.00 ? 10 DG  A "H4'"  1 
ATOM   306 H "H3'"  . DG  A 1 10 ? -11.770 -12.616 2.542   1.00 10.00 ? 10 DG  A "H3'"  1 
ATOM   307 H "HO3'" . DG  A 1 10 ? -11.989 -13.656 4.597   1.00 10.00 ? 10 DG  A "HO3'" 1 
ATOM   308 H "H2'"  . DG  A 1 10 ? -12.750 -10.796 3.395   1.00 10.00 ? 10 DG  A "H2'"  1 
ATOM   309 H "H2''" . DG  A 1 10 ? -12.198 -11.195 5.052   1.00 10.00 ? 10 DG  A "H2''" 1 
ATOM   310 H "H1'"  . DG  A 1 10 ? -10.275 -9.841  4.869   1.00 10.00 ? 10 DG  A "H1'"  1 
ATOM   311 H H8     . DG  A 1 10 ? -12.444 -9.088  1.755   1.00 10.00 ? 10 DG  A H8     1 
ATOM   312 H H1     . DG  A 1 10 ? -11.936 -4.326  6.047   1.00 10.00 ? 10 DG  A H1     1 
ATOM   313 H H21    . DG  A 1 10 ? -10.685 -5.017  7.770   1.00 10.00 ? 10 DG  A H21    1 
ATOM   314 H H22    . DG  A 1 10 ? -9.855  -6.585  7.650   1.00 10.00 ? 10 DG  A H22    1 
ATOM   315 O "O5'"  . DC  B 2 1  ? -11.083 2.498   9.973   1.00 10.00 ? 11 DC  B "O5'"  1 
ATOM   316 C "C5'"  . DC  B 2 1  ? -11.398 2.064   11.289  1.00 10.00 ? 11 DC  B "C5'"  1 
ATOM   317 C "C4'"  . DC  B 2 1  ? -11.021 0.592   11.523  1.00 10.00 ? 11 DC  B "C4'"  1 
ATOM   318 O "O4'"  . DC  B 2 1  ? -11.891 -0.265  10.792  1.00 10.00 ? 11 DC  B "O4'"  1 
ATOM   319 C "C3'"  . DC  B 2 1  ? -9.567  0.281   11.141  1.00 10.00 ? 11 DC  B "C3'"  1 
ATOM   320 O "O3'"  . DC  B 2 1  ? -8.930  -0.396  12.215  1.00 10.00 ? 11 DC  B "O3'"  1 
ATOM   321 C "C2'"  . DC  B 2 1  ? -9.731  -0.579  9.912   1.00 10.00 ? 11 DC  B "C2'"  1 
ATOM   322 C "C1'"  . DC  B 2 1  ? -11.124 -1.131  9.975   1.00 10.00 ? 11 DC  B "C1'"  1 
ATOM   323 N N1     . DC  B 2 1  ? -11.680 -1.319  8.621   1.00 10.00 ? 11 DC  B N1     1 
ATOM   324 C C2     . DC  B 2 1  ? -11.668 -2.559  7.984   1.00 10.00 ? 11 DC  B C2     1 
ATOM   325 O O2     . DC  B 2 1  ? -11.215 -3.563  8.533   1.00 10.00 ? 11 DC  B O2     1 
ATOM   326 N N3     . DC  B 2 1  ? -12.159 -2.663  6.722   1.00 10.00 ? 11 DC  B N3     1 
ATOM   327 C C4     . DC  B 2 1  ? -12.574 -1.574  6.090   1.00 10.00 ? 11 DC  B C4     1 
ATOM   328 N N4     . DC  B 2 1  ? -13.037 -1.746  4.876   1.00 10.00 ? 11 DC  B N4     1 
ATOM   329 C C5     . DC  B 2 1  ? -12.537 -0.274  6.683   1.00 10.00 ? 11 DC  B C5     1 
ATOM   330 C C6     . DC  B 2 1  ? -12.075 -0.210  7.957   1.00 10.00 ? 11 DC  B C6     1 
ATOM   331 H "H5'"  . DC  B 2 1  ? -12.467 2.184   11.469  1.00 10.00 ? 11 DC  B "H5'"  1 
ATOM   332 H "H5''" . DC  B 2 1  ? -10.852 2.680   12.006  1.00 10.00 ? 11 DC  B "H5''" 1 
ATOM   333 H "H4'"  . DC  B 2 1  ? -11.147 0.364   12.580  1.00 10.00 ? 11 DC  B "H4'"  1 
ATOM   334 H "H3'"  . DC  B 2 1  ? -8.998  1.163   10.851  1.00 10.00 ? 11 DC  B "H3'"  1 
ATOM   335 H "H2'"  . DC  B 2 1  ? -9.613  0.032   9.014   1.00 10.00 ? 11 DC  B "H2'"  1 
ATOM   336 H "H2''" . DC  B 2 1  ? -9.104  -1.452  9.994   1.00 10.00 ? 11 DC  B "H2''" 1 
ATOM   337 H "H1'"  . DC  B 2 1  ? -10.968 -2.074  10.426  1.00 10.00 ? 11 DC  B "H1'"  1 
ATOM   338 H H41    . DC  B 2 1  ? -13.047 -2.709  4.529   1.00 10.00 ? 11 DC  B H41    1 
ATOM   339 H H42    . DC  B 2 1  ? -13.338 -0.968  4.325   1.00 10.00 ? 11 DC  B H42    1 
ATOM   340 H H5     . DC  B 2 1  ? -12.846 0.620   6.166   1.00 10.00 ? 11 DC  B H5     1 
ATOM   341 H H6     . DC  B 2 1  ? -11.945 0.664   8.567   1.00 10.00 ? 11 DC  B H6     1 
ATOM   342 H "HO5'" . DC  B 2 1  ? -11.303 3.431   9.878   1.00 10.00 ? 11 DC  B "HO5'" 1 
ATOM   343 P P      . DG  B 2 2  ? -7.318  -0.452  12.374  1.00 10.00 ? 12 DG  B P      1 
ATOM   344 O OP1    . DG  B 2 2  ? -7.015  -0.652  13.808  1.00 10.00 ? 12 DG  B OP1    1 
ATOM   345 O OP2    . DG  B 2 2  ? -6.730  0.704   11.661  1.00 10.00 ? 12 DG  B OP2    1 
ATOM   346 O "O5'"  . DG  B 2 2  ? -6.881  -1.784  11.576  1.00 10.00 ? 12 DG  B "O5'"  1 
ATOM   347 C "C5'"  . DG  B 2 2  ? -7.009  -3.074  12.148  1.00 10.00 ? 12 DG  B "C5'"  1 
ATOM   348 C "C4'"  . DG  B 2 2  ? -6.294  -4.121  11.286  1.00 10.00 ? 12 DG  B "C4'"  1 
ATOM   349 O "O4'"  . DG  B 2 2  ? -6.990  -4.287  10.062  1.00 10.00 ? 12 DG  B "O4'"  1 
ATOM   350 C "C3'"  . DG  B 2 2  ? -4.832  -3.771  10.983  1.00 10.00 ? 12 DG  B "C3'"  1 
ATOM   351 O "O3'"  . DG  B 2 2  ? -4.065  -4.953  11.182  1.00 10.00 ? 12 DG  B "O3'"  1 
ATOM   352 C "C2'"  . DG  B 2 2  ? -4.940  -3.293  9.553   1.00 10.00 ? 12 DG  B "C2'"  1 
ATOM   353 C "C1'"  . DG  B 2 2  ? -6.099  -4.089  8.982   1.00 10.00 ? 12 DG  B "C1'"  1 
ATOM   354 N N9     . DG  B 2 2  ? -6.839  -3.392  7.907   1.00 10.00 ? 12 DG  B N9     1 
ATOM   355 C C8     . DG  B 2 2  ? -7.267  -2.089  7.865   1.00 10.00 ? 12 DG  B C8     1 
ATOM   356 N N7     . DG  B 2 2  ? -8.040  -1.814  6.851   1.00 10.00 ? 12 DG  B N7     1 
ATOM   357 C C5     . DG  B 2 2  ? -8.086  -3.015  6.129   1.00 10.00 ? 12 DG  B C5     1 
ATOM   358 C C6     . DG  B 2 2  ? -8.745  -3.374  4.901   1.00 10.00 ? 12 DG  B C6     1 
ATOM   359 O O6     . DG  B 2 2  ? -9.516  -2.721  4.204   1.00 10.00 ? 12 DG  B O6     1 
ATOM   360 N N1     . DG  B 2 2  ? -8.443  -4.655  4.471   1.00 10.00 ? 12 DG  B N1     1 
ATOM   361 C C2     . DG  B 2 2  ? -7.722  -5.547  5.202   1.00 10.00 ? 12 DG  B C2     1 
ATOM   362 N N2     . DG  B 2 2  ? -7.567  -6.750  4.706   1.00 10.00 ? 12 DG  B N2     1 
ATOM   363 N N3     . DG  B 2 2  ? -7.139  -5.271  6.368   1.00 10.00 ? 12 DG  B N3     1 
ATOM   364 C C4     . DG  B 2 2  ? -7.338  -3.980  6.769   1.00 10.00 ? 12 DG  B C4     1 
ATOM   365 H "H5'"  . DG  B 2 2  ? -8.065  -3.334  12.239  1.00 10.00 ? 12 DG  B "H5'"  1 
ATOM   366 H "H5''" . DG  B 2 2  ? -6.556  -3.079  13.140  1.00 10.00 ? 12 DG  B "H5''" 1 
ATOM   367 H "H4'"  . DG  B 2 2  ? -6.307  -5.082  11.789  1.00 10.00 ? 12 DG  B "H4'"  1 
ATOM   368 H "H3'"  . DG  B 2 2  ? -4.444  -2.951  11.587  1.00 10.00 ? 12 DG  B "H3'"  1 
ATOM   369 H "H2'"  . DG  B 2 2  ? -5.164  -2.227  9.568   1.00 10.00 ? 12 DG  B "H2'"  1 
ATOM   370 H "H2''" . DG  B 2 2  ? -4.028  -3.516  9.032   1.00 10.00 ? 12 DG  B "H2''" 1 
ATOM   371 H "H1'"  . DG  B 2 2  ? -5.710  -5.039  8.615   1.00 10.00 ? 12 DG  B "H1'"  1 
ATOM   372 H H8     . DG  B 2 2  ? -7.002  -1.367  8.629   1.00 10.00 ? 12 DG  B H8     1 
ATOM   373 H H1     . DG  B 2 2  ? -8.785  -4.932  3.554   1.00 10.00 ? 12 DG  B H1     1 
ATOM   374 H H21    . DG  B 2 2  ? -7.945  -7.001  3.785   1.00 10.00 ? 12 DG  B H21    1 
ATOM   375 H H22    . DG  B 2 2  ? -7.000  -7.378  5.240   1.00 10.00 ? 12 DG  B H22    1 
ATOM   376 P P      . DT  B 2 3  ? -2.512  -5.129  10.755  1.00 10.00 ? 13 DT  B P      1 
ATOM   377 O OP1    . DT  B 2 3  ? -1.884  -6.096  11.681  1.00 10.00 ? 13 DT  B OP1    1 
ATOM   378 O OP2    . DT  B 2 3  ? -1.907  -3.793  10.553  1.00 10.00 ? 13 DT  B OP2    1 
ATOM   379 O "O5'"  . DT  B 2 3  ? -2.676  -5.843  9.316   1.00 10.00 ? 13 DT  B "O5'"  1 
ATOM   380 C "C5'"  . DT  B 2 3  ? -3.329  -7.098  9.212   1.00 10.00 ? 13 DT  B "C5'"  1 
ATOM   381 C "C4'"  . DT  B 2 3  ? -3.514  -7.528  7.756   1.00 10.00 ? 13 DT  B "C4'"  1 
ATOM   382 O "O4'"  . DT  B 2 3  ? -4.235  -6.533  7.053   1.00 10.00 ? 13 DT  B "O4'"  1 
ATOM   383 C "C3'"  . DT  B 2 3  ? -2.205  -7.782  6.999   1.00 10.00 ? 13 DT  B "C3'"  1 
ATOM   384 O "O3'"  . DT  B 2 3  ? -2.315  -9.077  6.424   1.00 10.00 ? 13 DT  B "O3'"  1 
ATOM   385 C "C2'"  . DT  B 2 3  ? -2.184  -6.671  5.947   1.00 10.00 ? 13 DT  B "C2'"  1 
ATOM   386 C "C1'"  . DT  B 2 3  ? -3.667  -6.382  5.766   1.00 10.00 ? 13 DT  B "C1'"  1 
ATOM   387 N N1     . DT  B 2 3  ? -3.961  -5.019  5.257   1.00 10.00 ? 13 DT  B N1     1 
ATOM   388 C C2     . DT  B 2 3  ? -4.680  -4.918  4.067   1.00 10.00 ? 13 DT  B C2     1 
ATOM   389 O O2     . DT  B 2 3  ? -4.877  -5.860  3.309   1.00 10.00 ? 13 DT  B O2     1 
ATOM   390 N N3     . DT  B 2 3  ? -5.181  -3.678  3.768   1.00 10.00 ? 13 DT  B N3     1 
ATOM   391 C C4     . DT  B 2 3  ? -4.994  -2.521  4.484   1.00 10.00 ? 13 DT  B C4     1 
ATOM   392 O O4     . DT  B 2 3  ? -5.592  -1.513  4.118   1.00 10.00 ? 13 DT  B O4     1 
ATOM   393 C C5     . DT  B 2 3  ? -4.083  -2.661  5.622   1.00 10.00 ? 13 DT  B C5     1 
ATOM   394 C C7     . DT  B 2 3  ? -3.659  -1.426  6.402   1.00 10.00 ? 13 DT  B C7     1 
ATOM   395 C C6     . DT  B 2 3  ? -3.619  -3.893  5.979   1.00 10.00 ? 13 DT  B C6     1 
ATOM   396 H "H5'"  . DT  B 2 3  ? -4.315  -7.030  9.672   1.00 10.00 ? 13 DT  B "H5'"  1 
ATOM   397 H "H5''" . DT  B 2 3  ? -2.750  -7.855  9.743   1.00 10.00 ? 13 DT  B "H5''" 1 
ATOM   398 H "H4'"  . DT  B 2 3  ? -4.103  -8.446  7.752   1.00 10.00 ? 13 DT  B "H4'"  1 
ATOM   399 H "H3'"  . DT  B 2 3  ? -1.337  -7.724  7.658   1.00 10.00 ? 13 DT  B "H3'"  1 
ATOM   400 H "H2'"  . DT  B 2 3  ? -1.653  -5.789  6.304   1.00 10.00 ? 13 DT  B "H2'"  1 
ATOM   401 H "H2''" . DT  B 2 3  ? -1.743  -7.014  5.022   1.00 10.00 ? 13 DT  B "H2''" 1 
ATOM   402 H "H1'"  . DT  B 2 3  ? -4.075  -7.129  5.079   1.00 10.00 ? 13 DT  B "H1'"  1 
ATOM   403 H H3     . DT  B 2 3  ? -5.751  -3.610  2.933   1.00 10.00 ? 13 DT  B H3     1 
ATOM   404 H H71    . DT  B 2 3  ? -3.259  -0.686  5.710   1.00 10.00 ? 13 DT  B H71    1 
ATOM   405 H H72    . DT  B 2 3  ? -2.893  -1.656  7.144   1.00 10.00 ? 13 DT  B H72    1 
ATOM   406 H H73    . DT  B 2 3  ? -4.525  -0.988  6.893   1.00 10.00 ? 13 DT  B H73    1 
ATOM   407 H H6     . DT  B 2 3  ? -2.981  -4.043  6.837   1.00 10.00 ? 13 DT  B H6     1 
ATOM   408 P P      . DC  B 2 4  ? -1.124  -9.783  5.590   1.00 10.00 ? 14 DC  B P      1 
ATOM   409 O OP1    . DC  B 2 4  ? -1.320  -11.248 5.661   1.00 10.00 ? 14 DC  B OP1    1 
ATOM   410 O OP2    . DC  B 2 4  ? 0.162   -9.189  6.015   1.00 10.00 ? 14 DC  B OP2    1 
ATOM   411 O "O5'"  . DC  B 2 4  ? -1.423  -9.305  4.079   1.00 10.00 ? 14 DC  B "O5'"  1 
ATOM   412 C "C5'"  . DC  B 2 4  ? -2.538  -9.789  3.346   1.00 10.00 ? 14 DC  B "C5'"  1 
ATOM   413 C "C4'"  . DC  B 2 4  ? -2.523  -9.251  1.910   1.00 10.00 ? 14 DC  B "C4'"  1 
ATOM   414 O "O4'"  . DC  B 2 4  ? -2.857  -7.871  1.895   1.00 10.00 ? 14 DC  B "O4'"  1 
ATOM   415 C "C3'"  . DC  B 2 4  ? -1.151  -9.399  1.240   1.00 10.00 ? 14 DC  B "C3'"  1 
ATOM   416 O "O3'"  . DC  B 2 4  ? -1.329  -10.019 -0.025  1.00 10.00 ? 14 DC  B "O3'"  1 
ATOM   417 C "C2'"  . DC  B 2 4  ? -0.679  -7.949  1.143   1.00 10.00 ? 14 DC  B "C2'"  1 
ATOM   418 C "C1'"  . DC  B 2 4  ? -1.999  -7.182  1.005   1.00 10.00 ? 14 DC  B "C1'"  1 
ATOM   419 N N1     . DC  B 2 4  ? -2.011  -5.727  1.357   1.00 10.00 ? 14 DC  B N1     1 
ATOM   420 C C2     . DC  B 2 4  ? -2.811  -4.853  0.599   1.00 10.00 ? 14 DC  B C2     1 
ATOM   421 O O2     . DC  B 2 4  ? -3.371  -5.207  -0.441  1.00 10.00 ? 14 DC  B O2     1 
ATOM   422 N N3     . DC  B 2 4  ? -2.978  -3.563  0.988   1.00 10.00 ? 14 DC  B N3     1 
ATOM   423 C C4     . DC  B 2 4  ? -2.336  -3.120  2.055   1.00 10.00 ? 14 DC  B C4     1 
ATOM   424 N N4     . DC  B 2 4  ? -2.574  -1.884  2.419   1.00 10.00 ? 14 DC  B N4     1 
ATOM   425 C C5     . DC  B 2 4  ? -1.483  -3.948  2.842   1.00 10.00 ? 14 DC  B C5     1 
ATOM   426 C C6     . DC  B 2 4  ? -1.355  -5.244  2.468   1.00 10.00 ? 14 DC  B C6     1 
ATOM   427 H "H5'"  . DC  B 2 4  ? -3.464  -9.487  3.836   1.00 10.00 ? 14 DC  B "H5'"  1 
ATOM   428 H "H5''" . DC  B 2 4  ? -2.495  -10.878 3.310   1.00 10.00 ? 14 DC  B "H5''" 1 
ATOM   429 H "H4'"  . DC  B 2 4  ? -3.269  -9.786  1.319   1.00 10.00 ? 14 DC  B "H4'"  1 
ATOM   430 H "H3'"  . DC  B 2 4  ? -0.463  -9.992  1.846   1.00 10.00 ? 14 DC  B "H3'"  1 
ATOM   431 H "H2'"  . DC  B 2 4  ? -0.151  -7.680  2.054   1.00 10.00 ? 14 DC  B "H2'"  1 
ATOM   432 H "H2''" . DC  B 2 4  ? -0.022  -7.827  0.298   1.00 10.00 ? 14 DC  B "H2''" 1 
ATOM   433 H "H1'"  . DC  B 2 4  ? -2.350  -7.301  -0.027  1.00 10.00 ? 14 DC  B "H1'"  1 
ATOM   434 H H41    . DC  B 2 4  ? -3.275  -1.354  1.890   1.00 10.00 ? 14 DC  B H41    1 
ATOM   435 H H42    . DC  B 2 4  ? -2.091  -1.480  3.192   1.00 10.00 ? 14 DC  B H42    1 
ATOM   436 H H5     . DC  B 2 4  ? -0.967  -3.586  3.715   1.00 10.00 ? 14 DC  B H5     1 
ATOM   437 H H6     . DC  B 2 4  ? -0.758  -5.904  3.078   1.00 10.00 ? 14 DC  B H6     1 
ATOM   438 P P      . DG  B 2 5  ? -0.102  -10.331 -1.038  1.00 10.00 ? 15 DG  B P      1 
ATOM   439 O OP1    . DG  B 2 5  ? -0.413  -11.580 -1.766  1.00 10.00 ? 15 DG  B OP1    1 
ATOM   440 O OP2    . DG  B 2 5  ? 1.175   -10.204 -0.302  1.00 10.00 ? 15 DG  B OP2    1 
ATOM   441 O "O5'"  . DG  B 2 5  ? -0.223  -9.095  -2.070  1.00 10.00 ? 15 DG  B "O5'"  1 
ATOM   442 C "C5'"  . DG  B 2 5  ? -1.307  -9.030  -2.977  1.00 10.00 ? 15 DG  B "C5'"  1 
ATOM   443 C "C4'"  . DG  B 2 5  ? -1.309  -7.739  -3.797  1.00 10.00 ? 15 DG  B "C4'"  1 
ATOM   444 O "O4'"  . DG  B 2 5  ? -1.555  -6.606  -2.973  1.00 10.00 ? 15 DG  B "O4'"  1 
ATOM   445 C "C3'"  . DG  B 2 5  ? -0.020  -7.478  -4.593  1.00 10.00 ? 15 DG  B "C3'"  1 
ATOM   446 O "O3'"  . DG  B 2 5  ? -0.355  -7.477  -5.974  1.00 10.00 ? 15 DG  B "O3'"  1 
ATOM   447 C "C2'"  . DG  B 2 5  ? 0.435   -6.155  -4.024  1.00 10.00 ? 15 DG  B "C2'"  1 
ATOM   448 C "C1'"  . DG  B 2 5  ? -0.818  -5.503  -3.474  1.00 10.00 ? 15 DG  B "C1'"  1 
ATOM   449 N N9     . DG  B 2 5  ? -0.497  -4.564  -2.377  1.00 10.00 ? 15 DG  B N9     1 
ATOM   450 C C8     . DG  B 2 5  ? 0.249   -4.796  -1.256  1.00 10.00 ? 15 DG  B C8     1 
ATOM   451 N N7     . DG  B 2 5  ? 0.317   -3.801  -0.421  1.00 10.00 ? 15 DG  B N7     1 
ATOM   452 C C5     . DG  B 2 5  ? -0.433  -2.806  -1.056  1.00 10.00 ? 15 DG  B C5     1 
ATOM   453 C C6     . DG  B 2 5  ? -0.767  -1.467  -0.657  1.00 10.00 ? 15 DG  B C6     1 
ATOM   454 O O6     . DG  B 2 5  ? -0.455  -0.842  0.353   1.00 10.00 ? 15 DG  B O6     1 
ATOM   455 N N1     . DG  B 2 5  ? -1.576  -0.818  -1.567  1.00 10.00 ? 15 DG  B N1     1 
ATOM   456 C C2     . DG  B 2 5  ? -2.012  -1.371  -2.735  1.00 10.00 ? 15 DG  B C2     1 
ATOM   457 N N2     . DG  B 2 5  ? -2.797  -0.657  -3.500  1.00 10.00 ? 15 DG  B N2     1 
ATOM   458 N N3     . DG  B 2 5  ? -1.703  -2.595  -3.151  1.00 10.00 ? 15 DG  B N3     1 
ATOM   459 C C4     . DG  B 2 5  ? -0.924  -3.268  -2.259  1.00 10.00 ? 15 DG  B C4     1 
ATOM   460 H "H5'"  . DG  B 2 5  ? -2.245  -9.089  -2.425  1.00 10.00 ? 15 DG  B "H5'"  1 
ATOM   461 H "H5''" . DG  B 2 5  ? -1.251  -9.879  -3.660  1.00 10.00 ? 15 DG  B "H5''" 1 
ATOM   462 H "H4'"  . DG  B 2 5  ? -2.136  -7.817  -4.507  1.00 10.00 ? 15 DG  B "H4'"  1 
ATOM   463 H "H3'"  . DG  B 2 5  ? 0.792   -8.171  -4.371  1.00 10.00 ? 15 DG  B "H3'"  1 
ATOM   464 H "H2'"  . DG  B 2 5  ? 1.112   -6.406  -3.211  1.00 10.00 ? 15 DG  B "H2'"  1 
ATOM   465 H "H2''" . DG  B 2 5  ? 0.902   -5.542  -4.780  1.00 10.00 ? 15 DG  B "H2''" 1 
ATOM   466 H "H1'"  . DG  B 2 5  ? -1.343  -4.969  -4.272  1.00 10.00 ? 15 DG  B "H1'"  1 
ATOM   467 H H8     . DG  B 2 5  ? 0.645   -5.773  -1.072  1.00 10.00 ? 15 DG  B H8     1 
ATOM   468 H H1     . DG  B 2 5  ? -1.911  0.097   -1.279  1.00 10.00 ? 15 DG  B H1     1 
ATOM   469 H H21    . DG  B 2 5  ? -3.098  0.288   -3.235  1.00 10.00 ? 15 DG  B H21    1 
ATOM   470 H H22    . DG  B 2 5  ? -3.116  -1.106  -4.337  1.00 10.00 ? 15 DG  B H22    1 
ATOM   471 P P      . DT  B 2 6  ? 0.691   -7.119  -7.154  1.00 10.00 ? 16 DT  B P      1 
ATOM   472 O OP1    . DT  B 2 6  ? 0.205   -7.738  -8.406  1.00 10.00 ? 16 DT  B OP1    1 
ATOM   473 O OP2    . DT  B 2 6  ? 2.065   -7.390  -6.675  1.00 10.00 ? 16 DT  B OP2    1 
ATOM   474 O "O5'"  . DT  B 2 6  ? 0.497   -5.523  -7.270  1.00 10.00 ? 16 DT  B "O5'"  1 
ATOM   475 C "C5'"  . DT  B 2 6  ? -0.759  -4.963  -7.610  1.00 10.00 ? 16 DT  B "C5'"  1 
ATOM   476 C "C4'"  . DT  B 2 6  ? -0.698  -3.434  -7.589  1.00 10.00 ? 16 DT  B "C4'"  1 
ATOM   477 O "O4'"  . DT  B 2 6  ? -0.457  -2.974  -6.267  1.00 10.00 ? 16 DT  B "O4'"  1 
ATOM   478 C "C3'"  . DT  B 2 6  ? 0.410   -2.874  -8.491  1.00 10.00 ? 16 DT  B "C3'"  1 
ATOM   479 O "O3'"  . DT  B 2 6  ? -0.176  -1.949  -9.392  1.00 10.00 ? 16 DT  B "O3'"  1 
ATOM   480 C "C2'"  . DT  B 2 6  ? 1.371   -2.230  -7.490  1.00 10.00 ? 16 DT  B "C2'"  1 
ATOM   481 C "C1'"  . DT  B 2 6  ? 0.435   -1.877  -6.333  1.00 10.00 ? 16 DT  B "C1'"  1 
ATOM   482 N N1     . DT  B 2 6  ? 1.090   -1.654  -5.008  1.00 10.00 ? 16 DT  B N1     1 
ATOM   483 C C2     . DT  B 2 6  ? 0.767   -0.487  -4.309  1.00 10.00 ? 16 DT  B C2     1 
ATOM   484 O O2     . DT  B 2 6  ? 0.081   0.410   -4.788  1.00 10.00 ? 16 DT  B O2     1 
ATOM   485 N N3     . DT  B 2 6  ? 1.268   -0.352  -3.029  1.00 10.00 ? 16 DT  B N3     1 
ATOM   486 C C4     . DT  B 2 6  ? 2.122   -1.243  -2.408  1.00 10.00 ? 16 DT  B C4     1 
ATOM   487 O O4     . DT  B 2 6  ? 2.479   -1.016  -1.257  1.00 10.00 ? 16 DT  B O4     1 
ATOM   488 C C5     . DT  B 2 6  ? 2.485   -2.408  -3.215  1.00 10.00 ? 16 DT  B C5     1 
ATOM   489 C C7     . DT  B 2 6  ? 3.447   -3.453  -2.667  1.00 10.00 ? 16 DT  B C7     1 
ATOM   490 C C6     . DT  B 2 6  ? 1.961   -2.573  -4.460  1.00 10.00 ? 16 DT  B C6     1 
ATOM   491 H "H5'"  . DT  B 2 6  ? -1.515  -5.293  -6.897  1.00 10.00 ? 16 DT  B "H5'"  1 
ATOM   492 H "H5''" . DT  B 2 6  ? -1.045  -5.297  -8.608  1.00 10.00 ? 16 DT  B "H5''" 1 
ATOM   493 H "H4'"  . DT  B 2 6  ? -1.660  -3.044  -7.923  1.00 10.00 ? 16 DT  B "H4'"  1 
ATOM   494 H "H3'"  . DT  B 2 6  ? 0.908   -3.672  -9.046  1.00 10.00 ? 16 DT  B "H3'"  1 
ATOM   495 H "H2'"  . DT  B 2 6  ? 2.114   -2.968  -7.193  1.00 10.00 ? 16 DT  B "H2'"  1 
ATOM   496 H "H2''" . DT  B 2 6  ? 1.856   -1.346  -7.900  1.00 10.00 ? 16 DT  B "H2''" 1 
ATOM   497 H "H1'"  . DT  B 2 6  ? -0.096  -0.965  -6.627  1.00 10.00 ? 16 DT  B "H1'"  1 
ATOM   498 H H3     . DT  B 2 6  ? 1.011   0.485   -2.513  1.00 10.00 ? 16 DT  B H3     1 
ATOM   499 H H71    . DT  B 2 6  ? 3.600   -4.278  -3.368  1.00 10.00 ? 16 DT  B H71    1 
ATOM   500 H H72    . DT  B 2 6  ? 3.060   -3.848  -1.728  1.00 10.00 ? 16 DT  B H72    1 
ATOM   501 H H73    . DT  B 2 6  ? 4.411   -2.979  -2.474  1.00 10.00 ? 16 DT  B H73    1 
ATOM   502 H H6     . DT  B 2 6  ? 2.228   -3.441  -5.030  1.00 10.00 ? 16 DT  B H6     1 
ATOM   503 P P      . DG  B 2 7  ? 0.649   -1.276  -10.610 1.00 10.00 ? 17 DG  B P      1 
ATOM   504 O OP1    . DG  B 2 7  ? -0.294  -1.033  -11.724 1.00 10.00 ? 17 DG  B OP1    1 
ATOM   505 O OP2    . DG  B 2 7  ? 1.882   -2.059  -10.843 1.00 10.00 ? 17 DG  B OP2    1 
ATOM   506 O "O5'"  . DG  B 2 7  ? 1.066   0.144   -9.977  1.00 10.00 ? 17 DG  B "O5'"  1 
ATOM   507 C "C5'"  . DG  B 2 7  ? 0.112   1.177   -9.819  1.00 10.00 ? 17 DG  B "C5'"  1 
ATOM   508 C "C4'"  . DG  B 2 7  ? 0.710   2.369   -9.073  1.00 10.00 ? 17 DG  B "C4'"  1 
ATOM   509 O "O4'"  . DG  B 2 7  ? 0.992   1.996   -7.731  1.00 10.00 ? 17 DG  B "O4'"  1 
ATOM   510 C "C3'"  . DG  B 2 7  ? 1.999   2.916   -9.697  1.00 10.00 ? 17 DG  B "C3'"  1 
ATOM   511 O "O3'"  . DG  B 2 7  ? 1.811   4.297   -9.968  1.00 10.00 ? 17 DG  B "O3'"  1 
ATOM   512 C "C2'"  . DG  B 2 7  ? 3.028   2.659   -8.602  1.00 10.00 ? 17 DG  B "C2'"  1 
ATOM   513 C "C1'"  . DG  B 2 7  ? 2.185   2.639   -7.335  1.00 10.00 ? 17 DG  B "C1'"  1 
ATOM   514 N N9     . DG  B 2 7  ? 2.829   1.934   -6.208  1.00 10.00 ? 17 DG  B N9     1 
ATOM   515 C C8     . DG  B 2 7  ? 3.340   0.658   -6.132  1.00 10.00 ? 17 DG  B C8     1 
ATOM   516 N N7     . DG  B 2 7  ? 3.836   0.350   -4.968  1.00 10.00 ? 17 DG  B N7     1 
ATOM   517 C C5     . DG  B 2 7  ? 3.637   1.506   -4.208  1.00 10.00 ? 17 DG  B C5     1 
ATOM   518 C C6     . DG  B 2 7  ? 3.921   1.799   -2.834  1.00 10.00 ? 17 DG  B C6     1 
ATOM   519 O O6     . DG  B 2 7  ? 4.438   1.093   -1.972  1.00 10.00 ? 17 DG  B O6     1 
ATOM   520 N N1     . DG  B 2 7  ? 3.514   3.058   -2.450  1.00 10.00 ? 17 DG  B N1     1 
ATOM   521 C C2     . DG  B 2 7  ? 2.910   3.956   -3.271  1.00 10.00 ? 17 DG  B C2     1 
ATOM   522 N N2     . DG  B 2 7  ? 2.592   5.119   -2.750  1.00 10.00 ? 17 DG  B N2     1 
ATOM   523 N N3     . DG  B 2 7  ? 2.641   3.731   -4.556  1.00 10.00 ? 17 DG  B N3     1 
ATOM   524 C C4     . DG  B 2 7  ? 3.016   2.478   -4.961  1.00 10.00 ? 17 DG  B C4     1 
ATOM   525 H "H5'"  . DG  B 2 7  ? -0.743  0.803   -9.255  1.00 10.00 ? 17 DG  B "H5'"  1 
ATOM   526 H "H5''" . DG  B 2 7  ? -0.229  1.504   -10.801 1.00 10.00 ? 17 DG  B "H5''" 1 
ATOM   527 H "H4'"  . DG  B 2 7  ? -0.022  3.173   -9.073  1.00 10.00 ? 17 DG  B "H4'"  1 
ATOM   528 H "H3'"  . DG  B 2 7  ? 2.262   2.382   -10.612 1.00 10.00 ? 17 DG  B "H3'"  1 
ATOM   529 H "H2'"  . DG  B 2 7  ? 3.504   1.691   -8.766  1.00 10.00 ? 17 DG  B "H2'"  1 
ATOM   530 H "H2''" . DG  B 2 7  ? 3.758   3.455   -8.556  1.00 10.00 ? 17 DG  B "H2''" 1 
ATOM   531 H "H1'"  . DG  B 2 7  ? 1.983   3.665   -7.009  1.00 10.00 ? 17 DG  B "H1'"  1 
ATOM   532 H H8     . DG  B 2 7  ? 3.319   -0.057  -6.939  1.00 10.00 ? 17 DG  B H8     1 
ATOM   533 H H1     . DG  B 2 7  ? 3.638   3.285   -1.469  1.00 10.00 ? 17 DG  B H1     1 
ATOM   534 H H21    . DG  B 2 7  ? 2.816   5.343   -1.772  1.00 10.00 ? 17 DG  B H21    1 
ATOM   535 H H22    . DG  B 2 7  ? 2.190   5.786   -3.379  1.00 10.00 ? 17 DG  B H22    1 
ATOM   536 P P      . DG  B 2 8  ? 2.923   5.213   -10.709 1.00 10.00 ? 18 DG  B P      1 
ATOM   537 O OP1    . DG  B 2 8  ? 2.227   6.105   -11.659 1.00 10.00 ? 18 DG  B OP1    1 
ATOM   538 O OP2    . DG  B 2 8  ? 4.021   4.342   -11.187 1.00 10.00 ? 18 DG  B OP2    1 
ATOM   539 O "O5'"  . DG  B 2 8  ? 3.496   6.110   -9.497  1.00 10.00 ? 18 DG  B "O5'"  1 
ATOM   540 C "C5'"  . DG  B 2 8  ? 2.701   7.108   -8.882  1.00 10.00 ? 18 DG  B "C5'"  1 
ATOM   541 C "C4'"  . DG  B 2 8  ? 3.519   7.880   -7.844  1.00 10.00 ? 18 DG  B "C4'"  1 
ATOM   542 O "O4'"  . DG  B 2 8  ? 3.836   7.063   -6.746  1.00 10.00 ? 18 DG  B "O4'"  1 
ATOM   543 C "C3'"  . DG  B 2 8  ? 4.768   8.557   -8.398  1.00 10.00 ? 18 DG  B "C3'"  1 
ATOM   544 O "O3'"  . DG  B 2 8  ? 4.680   9.930   -8.008  1.00 10.00 ? 18 DG  B "O3'"  1 
ATOM   545 C "C2'"  . DG  B 2 8  ? 5.849   7.769   -7.682  1.00 10.00 ? 18 DG  B "C2'"  1 
ATOM   546 C "C1'"  . DG  B 2 8  ? 5.182   7.273   -6.404  1.00 10.00 ? 18 DG  B "C1'"  1 
ATOM   547 N N9     . DG  B 2 8  ? 5.636   5.948   -5.985  1.00 10.00 ? 18 DG  B N9     1 
ATOM   548 C C8     . DG  B 2 8  ? 5.660   4.839   -6.769  1.00 10.00 ? 18 DG  B C8     1 
ATOM   549 N N7     . DG  B 2 8  ? 6.049   3.755   -6.157  1.00 10.00 ? 18 DG  B N7     1 
ATOM   550 C C5     . DG  B 2 8  ? 6.228   4.184   -4.830  1.00 10.00 ? 18 DG  B C5     1 
ATOM   551 C C6     . DG  B 2 8  ? 6.597   3.479   -3.632  1.00 10.00 ? 18 DG  B C6     1 
ATOM   552 O O6     . DG  B 2 8  ? 6.925   2.307   -3.482  1.00 10.00 ? 18 DG  B O6     1 
ATOM   553 N N1     . DG  B 2 8  ? 6.541   4.261   -2.492  1.00 10.00 ? 18 DG  B N1     1 
ATOM   554 C C2     . DG  B 2 8  ? 6.173   5.570   -2.483  1.00 10.00 ? 18 DG  B C2     1 
ATOM   555 N N2     . DG  B 2 8  ? 6.116   6.175   -1.322  1.00 10.00 ? 18 DG  B N2     1 
ATOM   556 N N3     . DG  B 2 8  ? 5.871   6.273   -3.574  1.00 10.00 ? 18 DG  B N3     1 
ATOM   557 C C4     . DG  B 2 8  ? 5.914   5.521   -4.714  1.00 10.00 ? 18 DG  B C4     1 
ATOM   558 H "H5'"  . DG  B 2 8  ? 1.843   6.644   -8.392  1.00 10.00 ? 18 DG  B "H5'"  1 
ATOM   559 H "H5''" . DG  B 2 8  ? 2.343   7.805   -9.640  1.00 10.00 ? 18 DG  B "H5''" 1 
ATOM   560 H "H4'"  . DG  B 2 8  ? 2.943   8.661   -7.401  1.00 10.00 ? 18 DG  B "H4'"  1 
ATOM   561 H "H3'"  . DG  B 2 8  ? 4.855   8.462   -9.482  1.00 10.00 ? 18 DG  B "H3'"  1 
ATOM   562 H "H2'"  . DG  B 2 8  ? 6.256   6.957   -8.302  1.00 10.00 ? 18 DG  B "H2'"  1 
ATOM   563 H "H2''" . DG  B 2 8  ? 6.605   8.462   -7.418  1.00 10.00 ? 18 DG  B "H2''" 1 
ATOM   564 H "H1'"  . DG  B 2 8  ? 5.323   8.009   -5.609  1.00 10.00 ? 18 DG  B "H1'"  1 
ATOM   565 H H8     . DG  B 2 8  ? 5.338   4.958   -7.798  1.00 10.00 ? 18 DG  B H8     1 
ATOM   566 H H1     . DG  B 2 8  ? 6.795   3.823   -1.613  1.00 10.00 ? 18 DG  B H1     1 
ATOM   567 H H21    . DG  B 2 8  ? 6.319   5.698   -0.437  1.00 10.00 ? 18 DG  B H21    1 
ATOM   568 H H22    . DG  B 2 8  ? 5.836   7.135   -1.353  1.00 10.00 ? 18 DG  B H22    1 
ATOM   569 P P      . DA  B 2 9  ? 5.894   11.003  -8.086  1.00 10.00 ? 19 DA  B P      1 
ATOM   570 O OP1    . DA  B 2 9  ? 5.309   12.357  -8.193  1.00 10.00 ? 19 DA  B OP1    1 
ATOM   571 O OP2    . DA  B 2 9  ? 6.875   10.539  -9.091  1.00 10.00 ? 19 DA  B OP2    1 
ATOM   572 O "O5'"  . DA  B 2 9  ? 6.562   10.857  -6.617  1.00 10.00 ? 19 DA  B "O5'"  1 
ATOM   573 C "C5'"  . DA  B 2 9  ? 5.853   11.222  -5.442  1.00 10.00 ? 19 DA  B "C5'"  1 
ATOM   574 C "C4'"  . DA  B 2 9  ? 6.677   10.933  -4.181  1.00 10.00 ? 19 DA  B "C4'"  1 
ATOM   575 O "O4'"  . DA  B 2 9  ? 6.890   9.536   -4.048  1.00 10.00 ? 19 DA  B "O4'"  1 
ATOM   576 C "C3'"  . DA  B 2 9  ? 8.027   11.648  -4.158  1.00 10.00 ? 19 DA  B "C3'"  1 
ATOM   577 O "O3'"  . DA  B 2 9  ? 8.130   12.379  -2.947  1.00 10.00 ? 19 DA  B "O3'"  1 
ATOM   578 C "C2'"  . DA  B 2 9  ? 8.973   10.471  -4.250  1.00 10.00 ? 19 DA  B "C2'"  1 
ATOM   579 C "C1'"  . DA  B 2 9  ? 8.213   9.323   -3.599  1.00 10.00 ? 19 DA  B "C1'"  1 
ATOM   580 N N9     . DA  B 2 9  ? 8.706   8.039   -4.119  1.00 10.00 ? 19 DA  B N9     1 
ATOM   581 C C8     . DA  B 2 9  ? 8.806   7.716   -5.435  1.00 10.00 ? 19 DA  B C8     1 
ATOM   582 N N7     . DA  B 2 9  ? 9.144   6.484   -5.684  1.00 10.00 ? 19 DA  B N7     1 
ATOM   583 C C5     . DA  B 2 9  ? 9.322   5.965   -4.395  1.00 10.00 ? 19 DA  B C5     1 
ATOM   584 C C6     . DA  B 2 9  ? 9.670   4.695   -3.889  1.00 10.00 ? 19 DA  B C6     1 
ATOM   585 N N6     . DA  B 2 9  ? 9.846   3.623   -4.640  1.00 10.00 ? 19 DA  B N6     1 
ATOM   586 N N1     . DA  B 2 9  ? 9.785   4.501   -2.571  1.00 10.00 ? 19 DA  B N1     1 
ATOM   587 C C2     . DA  B 2 9  ? 9.571   5.528   -1.758  1.00 10.00 ? 19 DA  B C2     1 
ATOM   588 N N3     . DA  B 2 9  ? 9.235   6.774   -2.086  1.00 10.00 ? 19 DA  B N3     1 
ATOM   589 C C4     . DA  B 2 9  ? 9.112   6.921   -3.434  1.00 10.00 ? 19 DA  B C4     1 
ATOM   590 H "H5'"  . DA  B 2 9  ? 4.920   10.660  -5.389  1.00 10.00 ? 19 DA  B "H5'"  1 
ATOM   591 H "H5''" . DA  B 2 9  ? 5.621   12.287  -5.481  1.00 10.00 ? 19 DA  B "H5''" 1 
ATOM   592 H "H4'"  . DA  B 2 9  ? 6.140   11.265  -3.300  1.00 10.00 ? 19 DA  B "H4'"  1 
ATOM   593 H "H3'"  . DA  B 2 9  ? 8.171   12.295  -5.023  1.00 10.00 ? 19 DA  B "H3'"  1 
ATOM   594 H "H2'"  . DA  B 2 9  ? 9.176   10.295  -5.304  1.00 10.00 ? 19 DA  B "H2'"  1 
ATOM   595 H "H2''" . DA  B 2 9  ? 9.893   10.628  -3.743  1.00 10.00 ? 19 DA  B "H2''" 1 
ATOM   596 H "H1'"  . DA  B 2 9  ? 8.282   9.364   -2.508  1.00 10.00 ? 19 DA  B "H1'"  1 
ATOM   597 H H8     . DA  B 2 9  ? 8.598   8.494   -6.144  1.00 10.00 ? 19 DA  B H8     1 
ATOM   598 H H61    . DA  B 2 9  ? 10.002  2.726   -4.175  1.00 10.00 ? 19 DA  B H61    1 
ATOM   599 H H62    . DA  B 2 9  ? 9.740   3.694   -5.636  1.00 10.00 ? 19 DA  B H62    1 
ATOM   600 H H2     . DA  B 2 9  ? 9.654   5.299   -0.706  1.00 10.00 ? 19 DA  B H2     1 
ATOM   601 P P      . DC  B 2 10 ? 9.235   13.536  -2.723  1.00 10.00 ? 20 DC  B P      1 
ATOM   602 O OP1    . DC  B 2 10 ? 8.802   14.375  -1.583  1.00 10.00 ? 20 DC  B OP1    1 
ATOM   603 O OP2    . DC  B 2 10 ? 9.536   14.163  -4.029  1.00 10.00 ? 20 DC  B OP2    1 
ATOM   604 O "O5'"  . DC  B 2 10 ? 10.516  12.679  -2.270  1.00 10.00 ? 20 DC  B "O5'"  1 
ATOM   605 C "C5'"  . DC  B 2 10 ? 10.652  12.195  -0.945  1.00 10.00 ? 20 DC  B "C5'"  1 
ATOM   606 C "C4'"  . DC  B 2 10 ? 11.795  11.180  -0.841  1.00 10.00 ? 20 DC  B "C4'"  1 
ATOM   607 O "O4'"  . DC  B 2 10 ? 11.474  10.022  -1.587  1.00 10.00 ? 20 DC  B "O4'"  1 
ATOM   608 C "C3'"  . DC  B 2 10 ? 13.122  11.661  -1.445  1.00 10.00 ? 20 DC  B "C3'"  1 
ATOM   609 O "O3'"  . DC  B 2 10 ? 13.940  12.320  -0.498  1.00 10.00 ? 20 DC  B "O3'"  1 
ATOM   610 C "C2'"  . DC  B 2 10 ? 13.756  10.378  -1.985  1.00 10.00 ? 20 DC  B "C2'"  1 
ATOM   611 C "C1'"  . DC  B 2 10 ? 12.681  9.309   -1.752  1.00 10.00 ? 20 DC  B "C1'"  1 
ATOM   612 N N1     . DC  B 2 10 ? 12.564  8.335   -2.863  1.00 10.00 ? 20 DC  B N1     1 
ATOM   613 C C2     . DC  B 2 10 ? 12.798  6.980   -2.611  1.00 10.00 ? 20 DC  B C2     1 
ATOM   614 O O2     . DC  B 2 10 ? 13.034  6.567   -1.477  1.00 10.00 ? 20 DC  B O2     1 
ATOM   615 N N3     . DC  B 2 10 ? 12.779  6.087   -3.631  1.00 10.00 ? 20 DC  B N3     1 
ATOM   616 C C4     . DC  B 2 10 ? 12.515  6.510   -4.855  1.00 10.00 ? 20 DC  B C4     1 
ATOM   617 N N4     . DC  B 2 10 ? 12.494  5.583   -5.779  1.00 10.00 ? 20 DC  B N4     1 
ATOM   618 C C5     . DC  B 2 10 ? 12.238  7.882   -5.159  1.00 10.00 ? 20 DC  B C5     1 
ATOM   619 C C6     . DC  B 2 10 ? 12.271  8.766   -4.127  1.00 10.00 ? 20 DC  B C6     1 
ATOM   620 H "H5'"  . DC  B 2 10 ? 9.726   11.709  -0.634  1.00 10.00 ? 20 DC  B "H5'"  1 
ATOM   621 H "H5''" . DC  B 2 10 ? 10.854  13.033  -0.277  1.00 10.00 ? 20 DC  B "H5''" 1 
ATOM   622 H "H4'"  . DC  B 2 10 ? 11.873  10.886  0.209   1.00 10.00 ? 20 DC  B "H4'"  1 
ATOM   623 H "H3'"  . DC  B 2 10 ? 12.833  12.296  -2.282  1.00 10.00 ? 20 DC  B "H3'"  1 
ATOM   624 H "HO3'" . DC  B 2 10 ? 14.720  12.674  -0.937  1.00 10.00 ? 20 DC  B "HO3'" 1 
ATOM   625 H "H2'"  . DC  B 2 10 ? 13.961  10.502  -3.050  1.00 10.00 ? 20 DC  B "H2'"  1 
ATOM   626 H "H2''" . DC  B 2 10 ? 14.669  10.117  -1.446  1.00 10.00 ? 20 DC  B "H2''" 1 
ATOM   627 H "H1'"  . DC  B 2 10 ? 12.909  8.769   -0.836  1.00 10.00 ? 20 DC  B "H1'"  1 
ATOM   628 H H41    . DC  B 2 10 ? 12.672  4.625   -5.460  1.00 10.00 ? 20 DC  B H41    1 
ATOM   629 H H42    . DC  B 2 10 ? 12.223  5.800   -6.718  1.00 10.00 ? 20 DC  B H42    1 
ATOM   630 H H5     . DC  B 2 10 ? 12.005  8.214   -6.158  1.00 10.00 ? 20 DC  B H5     1 
ATOM   631 H H6     . DC  B 2 10 ? 12.075  9.829   -4.236  1.00 10.00 ? 20 DC  B H6     1 
# 
